data_5BN4
#
_entry.id   5BN4
#
_cell.length_a   193.484
_cell.length_b   193.484
_cell.length_c   108.850
_cell.angle_alpha   90.00
_cell.angle_beta   90.00
_cell.angle_gamma   120.00
#
_symmetry.space_group_name_H-M   'H 3'
#
loop_
_entity.id
_entity.type
_entity.pdbx_description
1 polymer 'V-type ATP synthase alpha chain'
2 polymer NEQ263
3 non-polymer 'PHOSPHOAMINOPHOSPHONIC ACID-ADENYLATE ESTER'
4 non-polymer 'MAGNESIUM ION'
5 water water
#
loop_
_entity_poly.entity_id
_entity_poly.type
_entity_poly.pdbx_seq_one_letter_code
_entity_poly.pdbx_strand_id
1 'polypeptide(L)'
;MNRIISINGPLVIAKGKFSIFEVVRVGEEKLIGEVIGIENDKAYIQVYEDTNGLKVGEPVFNTGKPLTIELGPGLLANIF
DGLGRPLKDIYEKTQSIYIPKGIDLPTLDRKKVWEFIPKKKKGDTIKGGDIIGTVNENGFEHRIIVPPNVEGKIEEIYEG
NFTIEETIAIVNGKPIKLYHEWPIRKPRPYKEKLDYNYPFITGTRVLDIMFPIAKGGSAAVPGPFGSGKTVLNQQIAKWA
DSDIVIYIGCGERGNEMTEVLEEFPKLKDPKTGKPLMYRTILIANTSNMPIAAREASIYLGATIGEYFRDQGYSVVVNAD
STSRWAEALREISSRLGEIPSEEGYPAYLLRKLAEFYERSGRVRTLNDLEGSLTIIGAVSPPGGDFSEPVTQNTLRLVGA
LWALDSKLAYKRHYPAINYLISYTKQWEFVKKYFEELYEDVIEIREEFFAILKRESELMDIVSIVGPDALSDNEKIYLHM
GRIIREGFLQQDAFDENDSYSPLEKTIELMRIIHKYYVTVKQLLGKIPLEEIEQKGIHEKIIKLRYKSLKEFREEIKAIE
QEILSLLNSQ
;
A
2 'polypeptide(L)'
;MPSIKPPLIAVELENPMLGEVIDLEETKAIVIAAYENKALALLFDYYTGEIKQINRQGNTYKIAVSEDYIGGIFNGFGEP
IKGPKPYPEDYRDINGLAINPYARKVPNEILYTGISSIDVAHPLLKGQKIAIFSPPGLPMERLALQIARNVAKDKTIIFA
AIGVPSDIYKMFIDEFINTKAIMNSAIFISKADSSPIEKIYTPRVALTLAEYLAFEKNRDVLVLMLDMTNYADALREIST
LRKEIPSRRGYPAYLYTDLASIYERSGLTSKGSITLIPMLTMPGNDITHVVPDLTGYITEGQYVLSQDLHSKNIYPPIDL
LKSLSRLAKNGMSKKHKKYADILIKSYAKGLEARDIATIVGEDSLSKEDKAYLKFAELVEKEFIKQDYYEYRSIEKSFEI
IDSILSQSGLPYSPIQ
;
B
#
loop_
_chem_comp.id
_chem_comp.type
_chem_comp.name
_chem_comp.formula
ANP non-polymer 'PHOSPHOAMINOPHOSPHONIC ACID-ADENYLATE ESTER' 'C10 H17 N6 O12 P3'
MG non-polymer 'MAGNESIUM ION' 'Mg 2'
#
# COMPACT_ATOMS: atom_id res chain seq x y z
N MET A 1 -29.38 14.89 -26.07
CA MET A 1 -29.40 13.90 -27.14
C MET A 1 -28.18 13.00 -27.11
N ASN A 2 -27.42 13.09 -26.02
CA ASN A 2 -26.19 12.31 -25.86
C ASN A 2 -26.46 10.83 -25.65
N ARG A 3 -25.62 9.98 -26.25
CA ARG A 3 -25.81 8.54 -26.19
C ARG A 3 -24.49 7.80 -26.06
N ILE A 4 -24.38 6.93 -25.07
CA ILE A 4 -23.25 6.03 -24.96
C ILE A 4 -23.27 5.08 -26.16
N ILE A 5 -22.13 4.93 -26.83
CA ILE A 5 -22.07 4.04 -27.97
C ILE A 5 -21.19 2.81 -27.68
N SER A 6 -20.43 2.88 -26.59
CA SER A 6 -19.60 1.76 -26.19
C SER A 6 -19.18 1.87 -24.73
N ILE A 7 -18.97 0.72 -24.09
CA ILE A 7 -18.46 0.67 -22.73
C ILE A 7 -17.31 -0.34 -22.64
N ASN A 8 -16.11 0.17 -22.42
CA ASN A 8 -14.93 -0.68 -22.33
C ASN A 8 -14.15 -0.41 -21.05
N GLY A 9 -14.54 -1.09 -19.97
CA GLY A 9 -13.93 -0.87 -18.67
C GLY A 9 -14.22 0.54 -18.17
N PRO A 10 -13.17 1.28 -17.81
CA PRO A 10 -13.31 2.65 -17.35
C PRO A 10 -13.47 3.63 -18.51
N LEU A 11 -13.48 3.12 -19.73
CA LEU A 11 -13.65 3.97 -20.90
C LEU A 11 -15.04 3.86 -21.49
N VAL A 12 -15.68 5.02 -21.68
CA VAL A 12 -16.99 5.08 -22.30
C VAL A 12 -16.97 6.04 -23.48
N ILE A 13 -17.36 5.54 -24.65
CA ILE A 13 -17.44 6.38 -25.83
C ILE A 13 -18.89 6.80 -26.07
N ALA A 14 -19.10 8.11 -26.27
CA ALA A 14 -20.45 8.64 -26.40
C ALA A 14 -20.61 9.59 -27.58
N LYS A 15 -21.85 9.73 -28.05
CA LYS A 15 -22.18 10.61 -29.17
C LYS A 15 -22.79 11.91 -28.66
N GLY A 16 -22.39 13.03 -29.27
CA GLY A 16 -22.97 14.32 -28.93
C GLY A 16 -21.97 15.45 -28.91
N LYS A 17 -22.37 16.57 -28.29
CA LYS A 17 -21.51 17.73 -28.19
C LYS A 17 -20.83 17.79 -26.82
N PHE A 18 -19.51 17.74 -26.81
CA PHE A 18 -18.74 17.71 -25.57
C PHE A 18 -17.54 18.66 -25.63
N SER A 19 -16.86 18.81 -24.50
CA SER A 19 -15.65 19.61 -24.42
C SER A 19 -14.47 18.74 -24.01
N ILE A 20 -13.26 19.20 -24.30
CA ILE A 20 -12.05 18.38 -24.16
C ILE A 20 -11.75 17.91 -22.72
N PHE A 21 -12.15 18.70 -21.73
CA PHE A 21 -11.95 18.30 -20.34
C PHE A 21 -13.18 18.61 -19.48
N GLU A 22 -14.34 18.32 -20.03
CA GLU A 22 -15.61 18.60 -19.37
C GLU A 22 -16.07 17.39 -18.56
N VAL A 23 -16.53 17.64 -17.35
CA VAL A 23 -17.08 16.59 -16.50
C VAL A 23 -18.48 16.23 -17.00
N VAL A 24 -18.75 14.93 -17.12
CA VAL A 24 -20.05 14.47 -17.59
C VAL A 24 -20.70 13.50 -16.60
N ARG A 25 -22.02 13.39 -16.67
CA ARG A 25 -22.76 12.42 -15.90
C ARG A 25 -23.12 11.24 -16.78
N VAL A 26 -22.47 10.11 -16.55
CA VAL A 26 -22.61 8.95 -17.43
C VAL A 26 -23.73 8.01 -16.98
N GLY A 27 -24.68 7.77 -17.89
CA GLY A 27 -25.77 6.85 -17.65
C GLY A 27 -26.92 7.44 -16.86
N GLU A 28 -27.88 6.59 -16.50
CA GLU A 28 -29.03 7.03 -15.71
C GLU A 28 -28.61 7.37 -14.28
N GLU A 29 -27.57 6.71 -13.80
CA GLU A 29 -27.08 6.93 -12.44
C GLU A 29 -26.19 8.16 -12.35
N LYS A 30 -25.94 8.79 -13.49
CA LYS A 30 -25.14 10.01 -13.56
C LYS A 30 -23.77 9.85 -12.91
N LEU A 31 -23.00 8.88 -13.40
CA LEU A 31 -21.67 8.59 -12.86
C LEU A 31 -20.67 9.65 -13.32
N ILE A 32 -19.88 10.16 -12.38
CA ILE A 32 -18.91 11.21 -12.67
C ILE A 32 -17.82 10.71 -13.60
N GLY A 33 -17.64 11.40 -14.72
CA GLY A 33 -16.62 11.06 -15.69
C GLY A 33 -15.97 12.30 -16.25
N GLU A 34 -14.99 12.11 -17.14
CA GLU A 34 -14.29 13.24 -17.74
C GLU A 34 -13.90 12.91 -19.16
N VAL A 35 -14.27 13.79 -20.09
CA VAL A 35 -13.91 13.62 -21.49
C VAL A 35 -12.40 13.82 -21.63
N ILE A 36 -11.75 12.96 -22.40
CA ILE A 36 -10.30 13.04 -22.57
C ILE A 36 -9.93 13.00 -24.04
N GLY A 37 -10.92 12.83 -24.91
CA GLY A 37 -10.68 12.77 -26.34
C GLY A 37 -11.93 12.97 -27.17
N ILE A 38 -11.79 13.62 -28.31
CA ILE A 38 -12.90 13.86 -29.22
C ILE A 38 -12.53 13.53 -30.66
N GLU A 39 -13.13 12.48 -31.21
CA GLU A 39 -12.89 12.10 -32.59
C GLU A 39 -14.15 12.24 -33.42
N ASN A 40 -14.39 13.44 -33.91
CA ASN A 40 -15.58 13.72 -34.70
C ASN A 40 -16.79 14.02 -33.82
N ASP A 41 -17.82 13.20 -33.95
CA ASP A 41 -19.03 13.37 -33.15
C ASP A 41 -18.97 12.54 -31.88
N LYS A 42 -17.83 11.86 -31.68
CA LYS A 42 -17.64 11.00 -30.53
C LYS A 42 -16.83 11.68 -29.43
N ALA A 43 -17.00 11.20 -28.20
CA ALA A 43 -16.21 11.69 -27.08
C ALA A 43 -15.71 10.52 -26.25
N TYR A 44 -14.41 10.53 -25.94
CA TYR A 44 -13.82 9.48 -25.14
C TYR A 44 -13.76 9.91 -23.68
N ILE A 45 -14.43 9.13 -22.82
CA ILE A 45 -14.64 9.52 -21.43
C ILE A 45 -14.10 8.47 -20.46
N GLN A 46 -13.29 8.92 -19.51
CA GLN A 46 -12.86 8.04 -18.42
C GLN A 46 -13.78 8.20 -17.22
N VAL A 47 -14.37 7.09 -16.80
CA VAL A 47 -15.33 7.09 -15.71
C VAL A 47 -14.65 6.82 -14.37
N TYR A 48 -14.88 7.70 -13.41
CA TYR A 48 -14.30 7.57 -12.08
C TYR A 48 -15.19 6.73 -11.17
N GLU A 49 -16.01 5.89 -11.79
CA GLU A 49 -16.90 4.98 -11.07
C GLU A 49 -16.91 3.63 -11.79
N ASP A 50 -17.58 2.65 -11.20
CA ASP A 50 -17.67 1.32 -11.81
C ASP A 50 -18.61 1.34 -13.02
N THR A 51 -18.08 0.94 -14.17
CA THR A 51 -18.84 0.99 -15.41
C THR A 51 -19.64 -0.27 -15.71
N ASN A 52 -19.55 -1.26 -14.82
CA ASN A 52 -20.26 -2.52 -15.02
C ASN A 52 -21.78 -2.33 -14.90
N GLY A 53 -22.51 -2.93 -15.84
CA GLY A 53 -23.97 -2.86 -15.81
C GLY A 53 -24.52 -1.69 -16.60
N LEU A 54 -23.67 -1.03 -17.37
CA LEU A 54 -24.08 0.10 -18.20
C LEU A 54 -24.65 -0.37 -19.53
N LYS A 55 -25.85 0.13 -19.85
CA LYS A 55 -26.49 -0.17 -21.12
C LYS A 55 -26.03 0.82 -22.18
N VAL A 56 -26.13 0.43 -23.45
CA VAL A 56 -25.66 1.28 -24.55
C VAL A 56 -26.47 2.57 -24.67
N GLY A 57 -27.77 2.46 -24.93
CA GLY A 57 -28.60 3.62 -25.21
C GLY A 57 -28.68 4.70 -24.15
N GLU A 58 -28.04 4.47 -23.00
CA GLU A 58 -28.10 5.40 -21.88
C GLU A 58 -27.54 6.79 -22.22
N PRO A 59 -28.07 7.83 -21.57
CA PRO A 59 -27.66 9.22 -21.84
C PRO A 59 -26.38 9.64 -21.12
N VAL A 60 -25.79 10.73 -21.58
CA VAL A 60 -24.61 11.31 -20.93
C VAL A 60 -24.83 12.80 -20.73
N PHE A 61 -25.00 13.22 -19.48
CA PHE A 61 -25.37 14.59 -19.17
C PHE A 61 -24.16 15.54 -19.14
N ASN A 62 -24.27 16.65 -19.88
CA ASN A 62 -23.21 17.65 -19.92
C ASN A 62 -23.16 18.49 -18.65
N THR A 63 -21.98 19.02 -18.34
CA THR A 63 -21.83 19.99 -17.27
C THR A 63 -21.02 21.18 -17.76
N GLY A 64 -20.93 22.22 -16.94
CA GLY A 64 -20.23 23.42 -17.33
C GLY A 64 -18.72 23.30 -17.23
N LYS A 65 -18.22 23.28 -15.99
CA LYS A 65 -16.79 23.31 -15.75
C LYS A 65 -16.10 21.96 -15.82
N PRO A 66 -14.79 21.95 -15.58
CA PRO A 66 -13.94 20.75 -15.56
C PRO A 66 -13.92 20.13 -14.16
N LEU A 67 -13.00 19.20 -13.95
CA LEU A 67 -12.85 18.54 -12.66
C LEU A 67 -12.17 19.49 -11.68
N THR A 68 -12.85 19.81 -10.58
CA THR A 68 -12.33 20.78 -9.62
C THR A 68 -12.30 20.24 -8.19
N ILE A 69 -11.85 21.09 -7.27
CA ILE A 69 -11.82 20.75 -5.85
C ILE A 69 -12.17 21.99 -5.02
N GLU A 70 -12.96 21.80 -3.97
CA GLU A 70 -13.32 22.90 -3.08
C GLU A 70 -12.17 23.20 -2.13
N LEU A 71 -11.67 24.44 -2.20
CA LEU A 71 -10.51 24.84 -1.43
C LEU A 71 -10.89 25.81 -0.30
N GLY A 72 -11.08 25.26 0.90
CA GLY A 72 -11.44 26.06 2.05
C GLY A 72 -11.51 25.23 3.32
N PRO A 73 -12.03 25.83 4.41
CA PRO A 73 -12.14 25.16 5.70
C PRO A 73 -13.01 23.91 5.64
N GLY A 74 -12.56 22.84 6.26
CA GLY A 74 -13.29 21.58 6.25
C GLY A 74 -12.51 20.44 5.62
N LEU A 75 -11.25 20.69 5.29
CA LEU A 75 -10.40 19.66 4.71
C LEU A 75 -9.55 18.95 5.77
N LEU A 76 -9.00 19.74 6.70
CA LEU A 76 -8.11 19.20 7.73
C LEU A 76 -8.81 18.18 8.62
N ALA A 77 -8.06 17.15 9.01
CA ALA A 77 -8.54 16.08 9.88
C ALA A 77 -9.67 15.26 9.28
N ASN A 78 -9.77 15.25 7.96
CA ASN A 78 -10.82 14.50 7.27
C ASN A 78 -10.24 13.61 6.18
N ILE A 79 -11.01 12.59 5.79
CA ILE A 79 -10.57 11.68 4.74
C ILE A 79 -11.53 11.72 3.55
N PHE A 80 -10.96 11.90 2.36
CA PHE A 80 -11.74 12.02 1.13
C PHE A 80 -11.28 10.96 0.14
N ASP A 81 -12.12 10.67 -0.85
CA ASP A 81 -11.73 9.72 -1.89
C ASP A 81 -10.98 10.43 -3.01
N GLY A 82 -10.85 9.75 -4.15
CA GLY A 82 -10.12 10.31 -5.28
C GLY A 82 -10.76 11.57 -5.85
N LEU A 83 -12.08 11.68 -5.71
CA LEU A 83 -12.80 12.83 -6.22
C LEU A 83 -13.05 13.88 -5.14
N GLY A 84 -12.45 13.67 -3.97
CA GLY A 84 -12.58 14.61 -2.87
C GLY A 84 -13.94 14.58 -2.22
N ARG A 85 -14.58 13.41 -2.25
CA ARG A 85 -15.86 13.23 -1.58
C ARG A 85 -15.63 12.68 -0.17
N PRO A 86 -16.27 13.30 0.84
CA PRO A 86 -16.05 12.96 2.25
C PRO A 86 -16.48 11.54 2.59
N LEU A 87 -15.54 10.73 3.05
CA LEU A 87 -15.80 9.32 3.35
C LEU A 87 -16.54 9.14 4.68
N LYS A 88 -16.43 10.11 5.58
CA LYS A 88 -17.16 10.07 6.83
C LYS A 88 -18.64 10.33 6.59
N ASP A 89 -18.93 11.27 5.69
CA ASP A 89 -20.31 11.60 5.35
C ASP A 89 -20.96 10.50 4.55
N ILE A 90 -20.21 9.92 3.62
CA ILE A 90 -20.69 8.78 2.82
C ILE A 90 -21.18 7.66 3.72
N TYR A 91 -20.36 7.32 4.73
CA TYR A 91 -20.70 6.28 5.68
C TYR A 91 -22.02 6.54 6.40
N GLU A 92 -22.18 7.78 6.86
CA GLU A 92 -23.36 8.16 7.64
C GLU A 92 -24.61 8.30 6.79
N LYS A 93 -24.46 8.91 5.61
CA LYS A 93 -25.58 9.12 4.70
C LYS A 93 -26.16 7.80 4.20
N THR A 94 -25.33 6.76 4.17
CA THR A 94 -25.74 5.48 3.59
C THR A 94 -25.89 4.38 4.64
N GLN A 95 -25.30 4.60 5.82
CA GLN A 95 -25.34 3.63 6.92
C GLN A 95 -24.75 2.27 6.53
N SER A 96 -23.92 2.28 5.50
CA SER A 96 -23.27 1.05 5.01
C SER A 96 -21.76 1.18 5.09
N ILE A 97 -21.09 0.03 5.14
CA ILE A 97 -19.63 0.00 5.20
C ILE A 97 -19.03 0.03 3.79
N TYR A 98 -19.89 -0.12 2.78
CA TYR A 98 -19.43 -0.14 1.40
C TYR A 98 -19.57 1.23 0.74
N ILE A 99 -18.80 1.44 -0.33
CA ILE A 99 -18.86 2.69 -1.07
C ILE A 99 -19.80 2.55 -2.27
N PRO A 100 -20.85 3.38 -2.29
CA PRO A 100 -21.91 3.34 -3.32
C PRO A 100 -21.43 3.77 -4.70
N LYS A 101 -22.18 3.40 -5.73
CA LYS A 101 -21.90 3.82 -7.10
C LYS A 101 -22.62 5.12 -7.42
N GLY A 102 -21.87 6.21 -7.53
CA GLY A 102 -22.43 7.48 -7.96
C GLY A 102 -23.08 8.29 -6.85
N ILE A 103 -22.52 8.19 -5.65
CA ILE A 103 -22.99 9.03 -4.56
C ILE A 103 -22.52 10.48 -4.78
N ASP A 104 -23.38 11.43 -4.47
CA ASP A 104 -23.08 12.83 -4.74
C ASP A 104 -23.14 13.68 -3.47
N LEU A 105 -21.98 13.90 -2.86
CA LEU A 105 -21.90 14.70 -1.64
C LEU A 105 -20.94 15.87 -1.82
N PRO A 106 -21.26 17.01 -1.19
CA PRO A 106 -20.37 18.18 -1.22
C PRO A 106 -19.09 17.89 -0.43
N THR A 107 -17.98 18.42 -0.92
CA THR A 107 -16.67 18.18 -0.31
C THR A 107 -16.57 18.81 1.08
N LEU A 108 -16.65 20.13 1.14
CA LEU A 108 -16.58 20.84 2.41
C LEU A 108 -17.92 20.78 3.13
N ASP A 109 -17.85 20.73 4.46
CA ASP A 109 -19.06 20.66 5.28
C ASP A 109 -19.92 21.90 5.08
N ARG A 110 -21.18 21.69 4.75
CA ARG A 110 -22.09 22.78 4.44
C ARG A 110 -22.78 23.35 5.68
N LYS A 111 -22.70 22.63 6.79
CA LYS A 111 -23.43 23.03 8.00
C LYS A 111 -22.50 23.50 9.12
N LYS A 112 -21.22 23.15 9.01
CA LYS A 112 -20.22 23.54 10.00
C LYS A 112 -20.10 25.06 10.06
N VAL A 113 -20.17 25.61 11.27
CA VAL A 113 -20.11 27.05 11.47
C VAL A 113 -18.73 27.55 11.86
N TRP A 114 -18.10 28.28 10.95
CA TRP A 114 -16.75 28.80 11.19
C TRP A 114 -16.79 30.23 11.71
N GLU A 115 -15.72 30.65 12.38
CA GLU A 115 -15.59 32.05 12.80
C GLU A 115 -14.58 32.76 11.91
N PHE A 116 -15.05 33.78 11.18
CA PHE A 116 -14.22 34.49 10.22
C PHE A 116 -13.71 35.83 10.76
N ILE A 117 -12.39 35.96 10.81
CA ILE A 117 -11.77 37.20 11.28
C ILE A 117 -11.02 37.89 10.14
N PRO A 118 -11.60 38.99 9.62
CA PRO A 118 -11.06 39.70 8.45
C PRO A 118 -9.70 40.34 8.73
N LYS A 119 -8.84 40.31 7.71
CA LYS A 119 -7.52 40.94 7.81
C LYS A 119 -7.47 42.17 6.90
N LYS A 120 -8.61 42.50 6.31
CA LYS A 120 -8.72 43.67 5.44
C LYS A 120 -9.97 44.48 5.79
N LYS A 121 -9.91 45.78 5.55
CA LYS A 121 -11.02 46.67 5.89
C LYS A 121 -11.79 47.13 4.65
N LYS A 122 -12.93 47.76 4.87
CA LYS A 122 -13.76 48.28 3.79
C LYS A 122 -13.04 49.40 3.05
N GLY A 123 -13.05 49.33 1.72
CA GLY A 123 -12.41 50.34 0.90
C GLY A 123 -11.00 49.95 0.48
N ASP A 124 -10.52 48.83 1.01
CA ASP A 124 -9.20 48.33 0.63
C ASP A 124 -9.23 47.71 -0.76
N THR A 125 -8.10 47.77 -1.44
CA THR A 125 -7.98 47.17 -2.77
C THR A 125 -7.40 45.77 -2.62
N ILE A 126 -7.94 44.83 -3.40
CA ILE A 126 -7.55 43.43 -3.26
C ILE A 126 -6.98 42.85 -4.56
N LYS A 127 -5.99 41.99 -4.42
CA LYS A 127 -5.40 41.28 -5.55
C LYS A 127 -5.82 39.82 -5.50
N GLY A 128 -5.39 39.04 -6.50
CA GLY A 128 -5.60 37.61 -6.48
C GLY A 128 -4.66 36.97 -5.47
N GLY A 129 -5.16 35.98 -4.74
CA GLY A 129 -4.34 35.29 -3.76
C GLY A 129 -4.11 36.07 -2.48
N ASP A 130 -4.86 37.16 -2.32
CA ASP A 130 -4.75 37.98 -1.12
C ASP A 130 -5.50 37.35 0.05
N ILE A 131 -4.88 37.39 1.23
CA ILE A 131 -5.54 36.95 2.45
C ILE A 131 -6.58 37.99 2.85
N ILE A 132 -7.85 37.61 2.76
CA ILE A 132 -8.95 38.51 3.09
C ILE A 132 -9.35 38.36 4.55
N GLY A 133 -8.84 37.31 5.18
CA GLY A 133 -9.13 37.03 6.58
C GLY A 133 -8.70 35.64 6.98
N THR A 134 -8.95 35.27 8.23
CA THR A 134 -8.56 33.97 8.74
C THR A 134 -9.74 33.22 9.37
N VAL A 135 -9.61 31.89 9.41
CA VAL A 135 -10.60 31.04 10.06
C VAL A 135 -9.87 29.99 10.89
N ASN A 136 -10.14 29.97 12.20
CA ASN A 136 -9.53 28.97 13.07
C ASN A 136 -10.10 27.59 12.80
N GLU A 137 -9.27 26.72 12.22
CA GLU A 137 -9.68 25.35 11.95
C GLU A 137 -9.04 24.39 12.94
N ASN A 138 -9.67 24.26 14.10
CA ASN A 138 -9.22 23.38 15.17
C ASN A 138 -7.77 23.61 15.60
N GLY A 139 -7.37 24.87 15.68
CA GLY A 139 -6.03 25.22 16.13
C GLY A 139 -5.12 25.70 15.02
N PHE A 140 -5.59 25.60 13.78
CA PHE A 140 -4.81 26.01 12.62
C PHE A 140 -5.36 27.30 12.02
N GLU A 141 -4.47 28.26 11.76
CA GLU A 141 -4.87 29.51 11.13
C GLU A 141 -5.06 29.33 9.63
N HIS A 142 -6.28 28.97 9.22
CA HIS A 142 -6.59 28.81 7.81
C HIS A 142 -6.82 30.17 7.17
N ARG A 143 -5.91 30.56 6.28
CA ARG A 143 -5.97 31.87 5.66
C ARG A 143 -6.83 31.88 4.39
N ILE A 144 -7.96 32.57 4.47
CA ILE A 144 -8.89 32.66 3.35
C ILE A 144 -8.29 33.49 2.22
N ILE A 145 -7.63 32.82 1.28
CA ILE A 145 -7.06 33.52 0.13
C ILE A 145 -8.04 33.58 -1.03
N VAL A 146 -8.29 34.78 -1.53
CA VAL A 146 -9.21 34.98 -2.64
C VAL A 146 -8.61 34.38 -3.91
N PRO A 147 -9.48 33.91 -4.83
CA PRO A 147 -9.01 33.32 -6.08
C PRO A 147 -8.11 34.27 -6.86
N PRO A 148 -7.17 33.71 -7.64
CA PRO A 148 -6.29 34.51 -8.51
C PRO A 148 -7.10 35.34 -9.50
N ASN A 149 -8.32 34.89 -9.78
CA ASN A 149 -9.25 35.62 -10.63
C ASN A 149 -9.64 36.96 -10.00
N VAL A 150 -9.85 36.95 -8.69
CA VAL A 150 -10.42 38.09 -7.96
C VAL A 150 -9.47 39.27 -7.80
N GLU A 151 -9.92 40.44 -8.26
CA GLU A 151 -9.20 41.68 -8.04
C GLU A 151 -10.20 42.83 -7.89
N GLY A 152 -9.74 43.93 -7.27
CA GLY A 152 -10.58 45.11 -7.11
C GLY A 152 -10.61 45.66 -5.69
N LYS A 153 -11.60 46.51 -5.44
CA LYS A 153 -11.75 47.14 -4.13
C LYS A 153 -12.85 46.49 -3.30
N ILE A 154 -12.61 46.36 -2.00
CA ILE A 154 -13.59 45.76 -1.10
C ILE A 154 -14.76 46.70 -0.85
N GLU A 155 -15.94 46.31 -1.32
CA GLU A 155 -17.14 47.10 -1.14
C GLU A 155 -17.81 46.79 0.19
N GLU A 156 -17.65 45.56 0.65
CA GLU A 156 -18.17 45.13 1.94
C GLU A 156 -17.39 43.92 2.46
N ILE A 157 -17.17 43.88 3.78
CA ILE A 157 -16.52 42.73 4.40
C ILE A 157 -17.07 42.50 5.82
N TYR A 158 -17.31 41.24 6.15
CA TYR A 158 -18.01 40.91 7.38
C TYR A 158 -17.10 40.30 8.44
N GLU A 159 -17.70 39.90 9.55
CA GLU A 159 -16.96 39.29 10.65
C GLU A 159 -17.88 38.42 11.49
N GLY A 160 -17.35 37.31 12.00
CA GLY A 160 -18.11 36.47 12.91
C GLY A 160 -18.34 35.07 12.41
N ASN A 161 -19.53 34.54 12.65
CA ASN A 161 -19.84 33.15 12.34
C ASN A 161 -20.57 32.97 11.01
N PHE A 162 -20.04 32.08 10.18
CA PHE A 162 -20.59 31.82 8.86
C PHE A 162 -20.43 30.36 8.46
N THR A 163 -21.28 29.90 7.55
CA THR A 163 -21.10 28.58 6.94
C THR A 163 -20.33 28.74 5.63
N ILE A 164 -20.06 27.63 4.97
CA ILE A 164 -19.14 27.65 3.82
C ILE A 164 -19.73 28.29 2.56
N GLU A 165 -21.06 28.43 2.50
CA GLU A 165 -21.70 29.00 1.33
C GLU A 165 -22.06 30.46 1.54
N GLU A 166 -21.94 30.94 2.77
CA GLU A 166 -22.32 32.31 3.09
C GLU A 166 -21.28 33.34 2.67
N THR A 167 -21.75 34.45 2.10
CA THR A 167 -20.89 35.53 1.66
C THR A 167 -20.25 36.25 2.84
N ILE A 168 -18.93 36.38 2.81
CA ILE A 168 -18.21 37.08 3.87
C ILE A 168 -17.67 38.44 3.40
N ALA A 169 -17.74 38.68 2.10
CA ALA A 169 -17.27 39.93 1.53
C ALA A 169 -17.77 40.16 0.11
N ILE A 170 -17.77 41.41 -0.31
CA ILE A 170 -18.19 41.78 -1.67
C ILE A 170 -17.12 42.66 -2.32
N VAL A 171 -16.57 42.17 -3.44
CA VAL A 171 -15.54 42.90 -4.15
C VAL A 171 -15.96 43.16 -5.59
N ASN A 172 -16.15 44.44 -5.92
CA ASN A 172 -16.55 44.86 -7.26
C ASN A 172 -17.81 44.17 -7.77
N GLY A 173 -18.85 44.13 -6.93
CA GLY A 173 -20.14 43.60 -7.33
C GLY A 173 -20.28 42.11 -7.15
N LYS A 174 -19.18 41.44 -6.81
CA LYS A 174 -19.20 39.98 -6.69
C LYS A 174 -18.95 39.51 -5.26
N PRO A 175 -19.73 38.50 -4.82
CA PRO A 175 -19.62 37.93 -3.47
C PRO A 175 -18.38 37.06 -3.30
N ILE A 176 -17.75 37.17 -2.13
CA ILE A 176 -16.57 36.37 -1.83
C ILE A 176 -16.88 35.33 -0.76
N LYS A 177 -16.63 34.06 -1.10
CA LYS A 177 -16.89 32.96 -0.16
C LYS A 177 -15.64 32.62 0.64
N LEU A 178 -15.80 31.71 1.60
CA LEU A 178 -14.68 31.22 2.40
C LEU A 178 -13.88 30.16 1.63
N TYR A 179 -14.36 29.81 0.45
CA TYR A 179 -13.73 28.79 -0.37
C TYR A 179 -13.88 29.10 -1.85
N HIS A 180 -13.12 28.39 -2.68
CA HIS A 180 -13.29 28.46 -4.12
C HIS A 180 -12.93 27.15 -4.79
N GLU A 181 -13.39 26.98 -6.02
CA GLU A 181 -13.13 25.75 -6.78
C GLU A 181 -12.02 25.95 -7.80
N TRP A 182 -11.07 25.02 -7.82
CA TRP A 182 -9.95 25.10 -8.75
C TRP A 182 -9.77 23.80 -9.53
N PRO A 183 -9.54 23.92 -10.85
CA PRO A 183 -9.31 22.75 -11.69
C PRO A 183 -8.07 21.98 -11.25
N ILE A 184 -8.23 20.70 -10.92
CA ILE A 184 -7.13 19.91 -10.38
C ILE A 184 -6.07 19.56 -11.42
N ARG A 185 -6.38 19.74 -12.70
CA ARG A 185 -5.42 19.51 -13.76
C ARG A 185 -4.65 20.80 -14.08
N LYS A 186 -4.93 21.84 -13.32
CA LYS A 186 -4.35 23.16 -13.58
C LYS A 186 -3.54 23.64 -12.37
N PRO A 187 -2.20 23.73 -12.54
CA PRO A 187 -1.29 24.21 -11.49
C PRO A 187 -1.66 25.62 -11.03
N ARG A 188 -1.89 25.77 -9.74
CA ARG A 188 -2.22 27.08 -9.18
C ARG A 188 -1.04 28.04 -9.34
N PRO A 189 -1.32 29.28 -9.78
CA PRO A 189 -0.29 30.27 -10.10
C PRO A 189 0.43 30.83 -8.88
N TYR A 190 1.68 31.25 -9.09
CA TYR A 190 2.47 31.90 -8.06
C TYR A 190 3.39 32.92 -8.74
N LYS A 191 3.98 33.81 -7.95
CA LYS A 191 4.81 34.87 -8.53
C LYS A 191 6.17 34.38 -9.04
N GLU A 192 6.97 33.79 -8.14
CA GLU A 192 8.34 33.43 -8.48
C GLU A 192 8.81 32.16 -7.79
N LYS A 193 9.38 31.24 -8.55
CA LYS A 193 9.99 30.05 -7.99
C LYS A 193 11.27 30.43 -7.25
N LEU A 194 11.30 30.19 -5.95
CA LEU A 194 12.44 30.58 -5.12
C LEU A 194 13.52 29.50 -5.05
N ASP A 195 14.72 29.90 -4.64
CA ASP A 195 15.83 28.98 -4.48
C ASP A 195 15.61 28.08 -3.27
N TYR A 196 16.15 26.87 -3.33
CA TYR A 196 16.17 26.00 -2.16
C TYR A 196 16.91 26.72 -1.04
N ASN A 197 16.39 26.60 0.18
CA ASN A 197 16.85 27.44 1.28
C ASN A 197 16.94 26.70 2.60
N TYR A 198 16.06 25.72 2.80
CA TYR A 198 15.94 25.05 4.09
C TYR A 198 15.79 23.54 3.91
N PRO A 199 16.50 22.75 4.74
CA PRO A 199 16.41 21.29 4.65
C PRO A 199 15.04 20.77 5.08
N PHE A 200 14.50 19.81 4.34
CA PHE A 200 13.23 19.20 4.69
C PHE A 200 13.44 18.18 5.82
N ILE A 201 13.14 18.59 7.04
CA ILE A 201 13.39 17.76 8.21
C ILE A 201 12.25 16.79 8.49
N THR A 202 12.48 15.51 8.21
CA THR A 202 11.54 14.46 8.59
C THR A 202 11.86 14.05 10.03
N GLY A 203 11.31 12.93 10.47
CA GLY A 203 11.65 12.42 11.78
C GLY A 203 12.67 11.32 11.68
N THR A 204 13.07 10.99 10.45
CA THR A 204 13.95 9.86 10.19
C THR A 204 15.37 10.29 9.85
N ARG A 205 16.33 9.73 10.59
CA ARG A 205 17.74 10.14 10.52
C ARG A 205 18.36 10.01 9.13
N VAL A 206 18.17 8.86 8.50
CA VAL A 206 18.77 8.59 7.19
C VAL A 206 18.28 9.58 6.13
N LEU A 207 17.07 10.10 6.32
CA LEU A 207 16.50 11.03 5.35
C LEU A 207 16.81 12.47 5.72
N ASP A 208 17.32 12.70 6.92
CA ASP A 208 17.64 14.04 7.38
C ASP A 208 19.13 14.36 7.25
N ILE A 209 19.96 13.34 7.39
CA ILE A 209 21.40 13.51 7.32
C ILE A 209 22.00 12.96 6.03
N MET A 210 21.73 11.68 5.77
CA MET A 210 22.35 10.98 4.66
C MET A 210 21.88 11.45 3.28
N PHE A 211 20.57 11.44 3.06
CA PHE A 211 20.02 11.86 1.77
C PHE A 211 18.86 12.85 1.90
N PRO A 212 19.13 14.02 2.49
CA PRO A 212 18.05 14.98 2.70
C PRO A 212 17.72 15.79 1.44
N ILE A 213 16.48 16.26 1.37
CA ILE A 213 16.08 17.19 0.33
C ILE A 213 15.75 18.54 0.95
N ALA A 214 15.68 19.57 0.11
CA ALA A 214 15.35 20.90 0.58
C ALA A 214 13.84 21.07 0.68
N LYS A 215 13.40 21.99 1.52
CA LYS A 215 11.99 22.32 1.63
C LYS A 215 11.49 22.80 0.28
N GLY A 216 10.56 22.06 -0.31
CA GLY A 216 10.05 22.37 -1.63
C GLY A 216 10.60 21.43 -2.68
N GLY A 217 11.50 20.55 -2.26
CA GLY A 217 12.09 19.58 -3.16
C GLY A 217 11.18 18.39 -3.40
N SER A 218 11.73 17.34 -3.99
CA SER A 218 10.98 16.12 -4.24
C SER A 218 11.87 14.90 -4.16
N ALA A 219 11.28 13.75 -3.83
CA ALA A 219 12.03 12.53 -3.69
C ALA A 219 11.21 11.33 -4.16
N ALA A 220 11.90 10.29 -4.60
CA ALA A 220 11.25 9.05 -5.00
C ALA A 220 11.59 7.93 -4.04
N VAL A 221 10.59 7.13 -3.67
CA VAL A 221 10.80 6.02 -2.75
C VAL A 221 10.36 4.70 -3.40
N PRO A 222 11.22 4.12 -4.24
CA PRO A 222 10.90 2.85 -4.90
C PRO A 222 11.43 1.65 -4.13
N GLY A 223 10.80 0.49 -4.33
CA GLY A 223 11.20 -0.73 -3.67
C GLY A 223 10.18 -1.83 -3.88
N PRO A 224 10.60 -3.09 -3.73
CA PRO A 224 9.72 -4.25 -3.90
C PRO A 224 8.70 -4.34 -2.77
N PHE A 225 7.77 -5.29 -2.84
CA PHE A 225 6.77 -5.43 -1.79
C PHE A 225 7.40 -5.87 -0.47
N GLY A 226 6.98 -5.25 0.62
CA GLY A 226 7.47 -5.59 1.95
C GLY A 226 8.75 -4.87 2.32
N SER A 227 9.21 -3.98 1.45
CA SER A 227 10.47 -3.28 1.68
C SER A 227 10.33 -2.15 2.71
N GLY A 228 9.18 -1.49 2.71
CA GLY A 228 8.88 -0.50 3.73
C GLY A 228 8.44 0.86 3.23
N LYS A 229 7.90 0.91 2.00
CA LYS A 229 7.47 2.17 1.40
C LYS A 229 6.36 2.88 2.18
N THR A 230 5.32 2.16 2.52
CA THR A 230 4.17 2.75 3.21
C THR A 230 4.55 3.27 4.58
N VAL A 231 5.22 2.43 5.36
CA VAL A 231 5.65 2.81 6.71
C VAL A 231 6.57 4.03 6.67
N LEU A 232 7.51 4.04 5.74
CA LEU A 232 8.43 5.17 5.60
C LEU A 232 7.66 6.45 5.31
N ASN A 233 6.71 6.37 4.37
CA ASN A 233 5.88 7.51 4.01
C ASN A 233 5.03 7.96 5.19
N GLN A 234 4.45 7.00 5.91
CA GLN A 234 3.65 7.32 7.08
C GLN A 234 4.47 7.95 8.18
N GLN A 235 5.72 7.51 8.32
CA GLN A 235 6.64 8.10 9.29
C GLN A 235 6.95 9.55 8.94
N ILE A 236 7.09 9.83 7.65
CA ILE A 236 7.29 11.20 7.20
C ILE A 236 6.04 12.02 7.47
N ALA A 237 4.89 11.44 7.19
CA ALA A 237 3.61 12.12 7.42
C ALA A 237 3.40 12.44 8.90
N LYS A 238 3.98 11.61 9.77
CA LYS A 238 3.86 11.79 11.20
C LYS A 238 4.69 12.97 11.73
N TRP A 239 5.99 12.92 11.46
CA TRP A 239 6.93 13.77 12.18
C TRP A 239 7.56 14.92 11.37
N ALA A 240 7.25 15.01 10.08
CA ALA A 240 7.89 16.01 9.23
C ALA A 240 7.63 17.43 9.71
N ASP A 241 8.68 18.25 9.66
CA ASP A 241 8.55 19.68 9.94
C ASP A 241 7.76 20.30 8.81
N SER A 242 6.44 20.41 9.00
CA SER A 242 5.55 20.92 7.97
C SER A 242 4.27 21.48 8.57
N ASP A 243 3.72 22.52 7.94
CA ASP A 243 2.46 23.12 8.40
C ASP A 243 1.28 22.24 8.04
N ILE A 244 1.31 21.68 6.84
CA ILE A 244 0.24 20.83 6.34
C ILE A 244 0.80 19.53 5.78
N VAL A 245 0.17 18.41 6.15
CA VAL A 245 0.56 17.10 5.63
C VAL A 245 -0.58 16.48 4.85
N ILE A 246 -0.30 16.10 3.60
CA ILE A 246 -1.30 15.44 2.76
C ILE A 246 -0.85 14.03 2.41
N TYR A 247 -1.61 13.03 2.86
CA TYR A 247 -1.29 11.65 2.52
C TYR A 247 -2.29 11.09 1.51
N ILE A 248 -1.77 10.76 0.33
CA ILE A 248 -2.60 10.23 -0.75
C ILE A 248 -2.46 8.72 -0.84
N GLY A 249 -3.57 8.02 -0.59
CA GLY A 249 -3.61 6.58 -0.75
C GLY A 249 -3.98 6.21 -2.16
N CYS A 250 -2.96 6.10 -3.01
CA CYS A 250 -3.17 5.87 -4.44
C CYS A 250 -3.10 4.39 -4.80
N GLY A 251 -4.27 3.76 -4.92
CA GLY A 251 -4.36 2.38 -5.36
C GLY A 251 -3.69 1.37 -4.45
N GLU A 252 -3.78 1.59 -3.14
CA GLU A 252 -3.21 0.64 -2.19
C GLU A 252 -4.24 0.08 -1.23
N ARG A 253 -3.78 -0.47 -0.11
CA ARG A 253 -4.65 -1.15 0.84
C ARG A 253 -5.55 -0.19 1.63
N GLY A 254 -6.79 -0.62 1.87
CA GLY A 254 -7.73 0.17 2.64
C GLY A 254 -7.34 0.33 4.10
N ASN A 255 -6.90 -0.78 4.71
CA ASN A 255 -6.51 -0.80 6.12
C ASN A 255 -5.45 0.23 6.47
N GLU A 256 -4.61 0.57 5.51
CA GLU A 256 -3.51 1.49 5.77
C GLU A 256 -4.00 2.92 5.88
N MET A 257 -5.11 3.22 5.22
CA MET A 257 -5.77 4.51 5.40
C MET A 257 -6.46 4.54 6.75
N THR A 258 -7.11 3.43 7.09
CA THR A 258 -7.75 3.27 8.39
C THR A 258 -6.69 3.34 9.50
N GLU A 259 -5.52 2.78 9.23
CA GLU A 259 -4.40 2.80 10.16
C GLU A 259 -4.05 4.22 10.58
N VAL A 260 -4.04 5.12 9.62
CA VAL A 260 -3.78 6.53 9.90
C VAL A 260 -4.91 7.13 10.74
N LEU A 261 -6.14 6.75 10.42
CA LEU A 261 -7.32 7.24 11.12
C LEU A 261 -7.35 6.84 12.59
N GLU A 262 -6.70 5.74 12.91
CA GLU A 262 -6.69 5.23 14.29
C GLU A 262 -5.53 5.78 15.12
N GLU A 263 -4.36 5.94 14.49
CA GLU A 263 -3.14 6.30 15.22
C GLU A 263 -2.87 7.80 15.27
N PHE A 264 -3.19 8.51 14.21
CA PHE A 264 -2.92 9.95 14.13
C PHE A 264 -3.64 10.81 15.17
N PRO A 265 -4.95 10.56 15.42
CA PRO A 265 -5.60 11.31 16.50
C PRO A 265 -5.00 11.04 17.88
N LYS A 266 -4.27 9.94 18.01
CA LYS A 266 -3.65 9.58 19.28
C LYS A 266 -2.31 10.28 19.49
N LEU A 267 -1.74 10.78 18.40
CA LEU A 267 -0.37 11.31 18.44
C LEU A 267 -0.33 12.84 18.51
N LYS A 268 0.78 13.36 19.05
CA LYS A 268 0.96 14.80 19.21
C LYS A 268 2.11 15.32 18.34
N ASP A 269 1.91 16.50 17.76
CA ASP A 269 2.96 17.16 16.99
C ASP A 269 4.04 17.64 17.94
N PRO A 270 5.29 17.14 17.75
CA PRO A 270 6.41 17.54 18.60
C PRO A 270 6.68 19.04 18.57
N LYS A 271 6.35 19.69 17.45
CA LYS A 271 6.65 21.10 17.26
C LYS A 271 5.60 22.03 17.85
N THR A 272 4.41 21.51 18.10
CA THR A 272 3.31 22.33 18.62
C THR A 272 2.60 21.71 19.82
N GLY A 273 2.70 20.39 19.96
CA GLY A 273 2.02 19.69 21.03
C GLY A 273 0.59 19.34 20.66
N LYS A 274 0.18 19.79 19.49
CA LYS A 274 -1.19 19.58 19.00
C LYS A 274 -1.32 18.22 18.32
N PRO A 275 -2.52 17.63 18.34
CA PRO A 275 -2.75 16.35 17.67
C PRO A 275 -2.47 16.40 16.17
N LEU A 276 -1.80 15.38 15.67
CA LEU A 276 -1.31 15.35 14.29
C LEU A 276 -2.40 15.46 13.24
N MET A 277 -3.60 15.00 13.58
CA MET A 277 -4.69 14.93 12.62
C MET A 277 -5.15 16.32 12.14
N TYR A 278 -4.98 17.33 12.98
CA TYR A 278 -5.45 18.67 12.66
C TYR A 278 -4.61 19.37 11.59
N ARG A 279 -3.49 18.76 11.22
CA ARG A 279 -2.67 19.28 10.13
C ARG A 279 -2.65 18.31 8.96
N THR A 280 -3.41 17.23 9.09
CA THR A 280 -3.37 16.15 8.11
C THR A 280 -4.61 16.10 7.24
N ILE A 281 -4.41 15.89 5.95
CA ILE A 281 -5.50 15.65 5.01
C ILE A 281 -5.28 14.29 4.35
N LEU A 282 -6.34 13.46 4.34
CA LEU A 282 -6.24 12.13 3.76
C LEU A 282 -7.03 12.00 2.47
N ILE A 283 -6.34 11.63 1.39
CA ILE A 283 -6.98 11.31 0.13
C ILE A 283 -6.87 9.80 -0.06
N ALA A 284 -8.00 9.12 -0.21
CA ALA A 284 -7.99 7.67 -0.27
C ALA A 284 -8.77 7.10 -1.46
N ASN A 285 -8.05 6.65 -2.48
CA ASN A 285 -8.64 5.85 -3.54
C ASN A 285 -7.94 4.50 -3.61
N THR A 286 -8.42 3.57 -2.79
CA THR A 286 -7.76 2.29 -2.59
C THR A 286 -7.69 1.44 -3.87
N SER A 287 -6.97 0.33 -3.79
CA SER A 287 -6.68 -0.49 -4.96
C SER A 287 -7.92 -0.99 -5.69
N ASN A 288 -8.94 -1.38 -4.94
CA ASN A 288 -10.16 -1.91 -5.55
C ASN A 288 -11.26 -0.87 -5.73
N MET A 289 -10.89 0.40 -5.58
CA MET A 289 -11.79 1.51 -5.92
C MET A 289 -11.54 1.86 -7.38
N PRO A 290 -12.45 2.65 -8.01
CA PRO A 290 -12.32 3.00 -9.44
C PRO A 290 -10.90 3.38 -9.83
N ILE A 291 -10.36 2.68 -10.82
CA ILE A 291 -8.96 2.83 -11.20
C ILE A 291 -8.65 4.22 -11.79
N ALA A 292 -9.64 4.83 -12.43
CA ALA A 292 -9.45 6.13 -13.05
C ALA A 292 -9.33 7.24 -12.00
N ALA A 293 -9.86 6.99 -10.81
CA ALA A 293 -9.83 7.97 -9.73
C ALA A 293 -8.47 7.98 -9.03
N ARG A 294 -7.62 7.01 -9.37
CA ARG A 294 -6.25 7.01 -8.88
C ARG A 294 -5.52 8.23 -9.41
N GLU A 295 -5.72 8.50 -10.70
CA GLU A 295 -5.12 9.67 -11.34
C GLU A 295 -5.67 10.95 -10.70
N ALA A 296 -6.99 10.99 -10.52
CA ALA A 296 -7.65 12.14 -9.94
C ALA A 296 -7.10 12.47 -8.55
N SER A 297 -6.85 11.44 -7.74
CA SER A 297 -6.36 11.62 -6.39
C SER A 297 -4.99 12.29 -6.38
N ILE A 298 -4.18 11.96 -7.38
CA ILE A 298 -2.86 12.55 -7.54
C ILE A 298 -2.97 14.06 -7.79
N TYR A 299 -3.76 14.42 -8.79
CA TYR A 299 -3.97 15.84 -9.13
C TYR A 299 -4.71 16.58 -8.02
N LEU A 300 -5.65 15.89 -7.37
CA LEU A 300 -6.43 16.48 -6.29
C LEU A 300 -5.56 16.89 -5.10
N GLY A 301 -4.73 15.95 -4.64
CA GLY A 301 -3.85 16.21 -3.52
C GLY A 301 -2.81 17.27 -3.85
N ALA A 302 -2.42 17.34 -5.12
CA ALA A 302 -1.47 18.34 -5.57
C ALA A 302 -2.07 19.74 -5.53
N THR A 303 -3.32 19.86 -5.95
CA THR A 303 -4.01 21.15 -5.97
C THR A 303 -4.25 21.67 -4.56
N ILE A 304 -4.61 20.77 -3.65
CA ILE A 304 -4.78 21.13 -2.25
C ILE A 304 -3.45 21.55 -1.65
N GLY A 305 -2.38 20.86 -2.04
CA GLY A 305 -1.04 21.20 -1.57
C GLY A 305 -0.61 22.58 -2.02
N GLU A 306 -0.97 22.94 -3.25
CA GLU A 306 -0.68 24.26 -3.78
C GLU A 306 -1.54 25.30 -3.07
N TYR A 307 -2.77 24.93 -2.73
CA TYR A 307 -3.69 25.82 -2.05
C TYR A 307 -3.14 26.30 -0.72
N PHE A 308 -2.73 25.36 0.13
CA PHE A 308 -2.16 25.71 1.42
C PHE A 308 -0.78 26.37 1.28
N ARG A 309 -0.08 26.04 0.20
CA ARG A 309 1.18 26.68 -0.13
C ARG A 309 0.95 28.16 -0.42
N ASP A 310 -0.13 28.45 -1.13
CA ASP A 310 -0.48 29.81 -1.51
C ASP A 310 -0.91 30.67 -0.32
N GLN A 311 -1.11 30.04 0.83
CA GLN A 311 -1.42 30.77 2.06
C GLN A 311 -0.13 31.19 2.75
N GLY A 312 1.00 30.78 2.19
CA GLY A 312 2.29 31.07 2.79
C GLY A 312 2.69 30.00 3.79
N TYR A 313 2.21 28.79 3.60
CA TYR A 313 2.51 27.67 4.48
C TYR A 313 3.39 26.63 3.80
N SER A 314 4.04 25.79 4.60
CA SER A 314 4.83 24.69 4.07
C SER A 314 3.99 23.41 4.05
N VAL A 315 3.89 22.81 2.87
CA VAL A 315 3.05 21.64 2.66
C VAL A 315 3.87 20.45 2.15
N VAL A 316 3.57 19.26 2.66
CA VAL A 316 4.20 18.04 2.16
C VAL A 316 3.15 17.07 1.63
N VAL A 317 3.45 16.44 0.50
CA VAL A 317 2.53 15.48 -0.11
C VAL A 317 3.20 14.12 -0.27
N ASN A 318 2.61 13.10 0.37
CA ASN A 318 3.07 11.73 0.22
C ASN A 318 2.14 10.93 -0.70
N ALA A 319 2.68 10.43 -1.79
CA ALA A 319 1.90 9.67 -2.76
C ALA A 319 2.25 8.19 -2.75
N ASP A 320 1.35 7.38 -2.20
CA ASP A 320 1.59 5.94 -2.04
C ASP A 320 0.51 5.12 -2.73
N SER A 321 0.79 4.61 -3.93
CA SER A 321 2.06 4.88 -4.61
C SER A 321 1.80 5.29 -6.06
N THR A 322 2.79 5.91 -6.69
CA THR A 322 2.62 6.48 -8.01
C THR A 322 2.50 5.43 -9.12
N SER A 323 2.98 4.23 -8.84
CA SER A 323 2.91 3.15 -9.83
C SER A 323 1.47 2.76 -10.16
N ARG A 324 0.58 2.92 -9.18
CA ARG A 324 -0.83 2.57 -9.38
C ARG A 324 -1.50 3.60 -10.29
N TRP A 325 -1.03 4.83 -10.23
CA TRP A 325 -1.44 5.87 -11.17
C TRP A 325 -0.99 5.47 -12.58
N ALA A 326 0.26 5.04 -12.70
CA ALA A 326 0.82 4.62 -13.98
C ALA A 326 0.03 3.46 -14.59
N GLU A 327 -0.40 2.53 -13.73
CA GLU A 327 -1.24 1.42 -14.18
C GLU A 327 -2.56 1.92 -14.75
N ALA A 328 -3.12 2.93 -14.09
CA ALA A 328 -4.39 3.53 -14.53
C ALA A 328 -4.23 4.17 -15.90
N LEU A 329 -3.16 4.92 -16.09
CA LEU A 329 -2.87 5.55 -17.38
C LEU A 329 -2.67 4.50 -18.46
N ARG A 330 -1.95 3.44 -18.10
CA ARG A 330 -1.70 2.32 -19.01
C ARG A 330 -3.01 1.66 -19.44
N GLU A 331 -3.96 1.57 -18.52
CA GLU A 331 -5.25 0.98 -18.81
C GLU A 331 -6.09 1.83 -19.74
N ILE A 332 -6.16 3.13 -19.47
CA ILE A 332 -6.89 4.05 -20.31
C ILE A 332 -6.33 4.04 -21.73
N SER A 333 -5.00 4.07 -21.83
CA SER A 333 -4.31 4.06 -23.11
C SER A 333 -4.65 2.83 -23.94
N SER A 334 -4.79 1.69 -23.27
CA SER A 334 -5.14 0.44 -23.93
C SER A 334 -6.52 0.54 -24.57
N ARG A 335 -7.52 0.82 -23.76
CA ARG A 335 -8.91 0.90 -24.22
C ARG A 335 -9.09 1.95 -25.31
N LEU A 336 -8.25 2.98 -25.29
CA LEU A 336 -8.32 4.06 -26.27
C LEU A 336 -7.79 3.63 -27.65
N GLY A 337 -7.19 2.44 -27.71
CA GLY A 337 -6.63 1.95 -28.95
C GLY A 337 -5.33 2.63 -29.30
N GLU A 338 -4.58 3.01 -28.26
CA GLU A 338 -3.28 3.63 -28.45
C GLU A 338 -2.19 2.57 -28.53
N ILE A 339 -1.14 2.87 -29.28
CA ILE A 339 0.01 1.99 -29.38
C ILE A 339 0.84 2.06 -28.10
N PRO A 340 1.08 0.91 -27.47
CA PRO A 340 1.87 0.83 -26.23
C PRO A 340 3.31 1.23 -26.47
N SER A 341 3.95 1.76 -25.44
CA SER A 341 5.37 2.06 -25.48
C SER A 341 6.12 1.05 -24.61
N GLU A 342 7.14 1.53 -23.90
CA GLU A 342 7.96 0.65 -23.08
C GLU A 342 7.16 -0.02 -21.96
N GLU A 343 7.16 -1.35 -21.96
CA GLU A 343 6.45 -2.16 -20.98
C GLU A 343 4.95 -1.84 -20.89
N GLY A 344 4.34 -1.63 -22.05
CA GLY A 344 2.90 -1.45 -22.12
C GLY A 344 2.43 -0.05 -21.82
N TYR A 345 3.23 0.71 -21.09
CA TYR A 345 2.88 2.06 -20.71
C TYR A 345 2.77 2.96 -21.93
N PRO A 346 1.89 3.97 -21.88
CA PRO A 346 1.80 4.93 -22.98
C PRO A 346 3.11 5.68 -23.15
N ALA A 347 3.37 6.17 -24.36
CA ALA A 347 4.62 6.87 -24.65
C ALA A 347 4.70 8.22 -23.94
N TYR A 348 3.57 8.69 -23.45
CA TYR A 348 3.52 9.99 -22.76
C TYR A 348 3.55 9.83 -21.24
N LEU A 349 4.07 8.71 -20.76
CA LEU A 349 4.14 8.46 -19.32
C LEU A 349 5.01 9.48 -18.59
N LEU A 350 6.21 9.72 -19.12
CA LEU A 350 7.15 10.64 -18.49
C LEU A 350 6.57 12.04 -18.33
N ARG A 351 5.90 12.52 -19.37
CA ARG A 351 5.31 13.85 -19.33
C ARG A 351 4.17 13.91 -18.32
N LYS A 352 3.42 12.82 -18.21
CA LYS A 352 2.34 12.74 -17.24
C LYS A 352 2.88 12.81 -15.81
N LEU A 353 3.96 12.07 -15.57
CA LEU A 353 4.63 12.10 -14.26
C LEU A 353 5.15 13.50 -13.97
N ALA A 354 5.61 14.18 -15.01
CA ALA A 354 6.13 15.54 -14.88
C ALA A 354 5.04 16.49 -14.42
N GLU A 355 3.81 16.27 -14.88
CA GLU A 355 2.67 17.10 -14.49
C GLU A 355 2.39 17.04 -12.99
N PHE A 356 3.04 16.10 -12.30
CA PHE A 356 2.86 15.94 -10.87
C PHE A 356 4.02 16.56 -10.08
N TYR A 357 5.23 16.08 -10.35
CA TYR A 357 6.40 16.51 -9.59
C TYR A 357 6.80 17.97 -9.84
N GLU A 358 6.50 18.48 -11.04
CA GLU A 358 6.83 19.87 -11.37
C GLU A 358 6.00 20.86 -10.56
N ARG A 359 4.95 20.36 -9.91
CA ARG A 359 4.12 21.21 -9.07
C ARG A 359 4.84 21.58 -7.77
N SER A 360 5.83 20.76 -7.40
CA SER A 360 6.60 21.01 -6.19
C SER A 360 7.50 22.22 -6.37
N GLY A 361 8.03 22.74 -5.26
CA GLY A 361 8.92 23.89 -5.31
C GLY A 361 8.61 24.92 -4.25
N ARG A 362 9.66 25.60 -3.78
CA ARG A 362 9.50 26.74 -2.87
C ARG A 362 9.28 27.99 -3.70
N VAL A 363 8.14 28.65 -3.51
CA VAL A 363 7.76 29.76 -4.38
C VAL A 363 7.47 31.05 -3.63
N ARG A 364 7.33 32.12 -4.41
CA ARG A 364 6.83 33.38 -3.91
C ARG A 364 5.35 33.44 -4.28
N THR A 365 4.50 33.41 -3.27
CA THR A 365 3.05 33.38 -3.48
C THR A 365 2.55 34.70 -4.05
N LEU A 366 1.30 34.71 -4.51
CA LEU A 366 0.71 35.90 -5.11
C LEU A 366 0.60 37.04 -4.11
N ASN A 367 0.46 36.70 -2.83
CA ASN A 367 0.39 37.71 -1.78
C ASN A 367 1.75 37.99 -1.18
N ASP A 368 2.80 37.69 -1.94
CA ASP A 368 4.19 37.96 -1.56
C ASP A 368 4.61 37.27 -0.27
N LEU A 369 3.95 36.18 0.07
CA LEU A 369 4.37 35.36 1.20
C LEU A 369 5.21 34.20 0.70
N GLU A 370 5.84 33.48 1.63
CA GLU A 370 6.67 32.35 1.27
C GLU A 370 6.01 31.02 1.60
N GLY A 371 5.86 30.17 0.60
CA GLY A 371 5.29 28.85 0.79
C GLY A 371 6.07 27.80 0.01
N SER A 372 5.96 26.55 0.44
CA SER A 372 6.66 25.47 -0.25
C SER A 372 5.81 24.20 -0.33
N LEU A 373 5.96 23.48 -1.43
CA LEU A 373 5.28 22.20 -1.60
C LEU A 373 6.29 21.10 -1.87
N THR A 374 6.47 20.21 -0.89
CA THR A 374 7.38 19.09 -1.03
C THR A 374 6.61 17.83 -1.39
N ILE A 375 7.03 17.18 -2.48
CA ILE A 375 6.35 16.00 -2.97
C ILE A 375 7.20 14.73 -2.85
N ILE A 376 6.73 13.79 -2.03
CA ILE A 376 7.40 12.51 -1.89
C ILE A 376 6.59 11.45 -2.63
N GLY A 377 7.23 10.77 -3.59
CA GLY A 377 6.53 9.80 -4.40
C GLY A 377 7.04 8.37 -4.27
N ALA A 378 6.16 7.47 -3.84
CA ALA A 378 6.52 6.06 -3.73
C ALA A 378 6.33 5.37 -5.08
N VAL A 379 7.26 4.50 -5.43
CA VAL A 379 7.17 3.73 -6.67
C VAL A 379 7.18 2.25 -6.34
N SER A 380 6.35 1.47 -7.03
CA SER A 380 6.27 0.04 -6.78
C SER A 380 6.71 -0.75 -8.01
N PRO A 381 8.03 -0.86 -8.22
CA PRO A 381 8.56 -1.51 -9.42
C PRO A 381 8.29 -3.02 -9.41
N PRO A 382 7.75 -3.55 -10.51
CA PRO A 382 7.44 -4.98 -10.64
C PRO A 382 8.69 -5.84 -10.44
N GLY A 383 8.60 -6.78 -9.51
CA GLY A 383 9.72 -7.67 -9.23
C GLY A 383 10.88 -6.97 -8.54
N GLY A 384 10.66 -5.74 -8.14
CA GLY A 384 11.70 -4.97 -7.46
C GLY A 384 12.81 -4.54 -8.40
N ASP A 385 12.54 -4.62 -9.70
CA ASP A 385 13.50 -4.19 -10.71
C ASP A 385 13.38 -2.69 -10.97
N PHE A 386 14.39 -1.93 -10.58
CA PHE A 386 14.34 -0.46 -10.66
C PHE A 386 14.48 0.05 -12.10
N SER A 387 14.85 -0.83 -13.02
CA SER A 387 15.09 -0.41 -14.40
C SER A 387 13.80 -0.17 -15.16
N GLU A 388 12.67 -0.51 -14.54
CA GLU A 388 11.36 -0.32 -15.17
C GLU A 388 11.10 1.16 -15.42
N PRO A 389 10.25 1.48 -16.42
CA PRO A 389 10.01 2.85 -16.87
C PRO A 389 9.62 3.82 -15.76
N VAL A 390 8.63 3.47 -14.95
CA VAL A 390 8.11 4.37 -13.93
C VAL A 390 9.20 4.88 -13.00
N THR A 391 9.98 3.96 -12.43
CA THR A 391 11.08 4.33 -11.56
C THR A 391 12.10 5.19 -12.29
N GLN A 392 12.49 4.75 -13.48
CA GLN A 392 13.52 5.45 -14.25
C GLN A 392 13.07 6.83 -14.72
N ASN A 393 11.82 6.93 -15.17
CA ASN A 393 11.24 8.22 -15.55
C ASN A 393 11.26 9.19 -14.39
N THR A 394 10.93 8.68 -13.20
CA THR A 394 10.84 9.48 -11.99
C THR A 394 12.18 10.04 -11.56
N LEU A 395 13.25 9.25 -11.74
CA LEU A 395 14.59 9.66 -11.32
C LEU A 395 15.14 10.84 -12.12
N ARG A 396 14.51 11.14 -13.24
CA ARG A 396 14.90 12.29 -14.03
C ARG A 396 13.94 13.46 -13.80
N LEU A 397 13.23 13.40 -12.68
CA LEU A 397 12.26 14.43 -12.33
C LEU A 397 12.40 14.89 -10.88
N VAL A 398 12.89 14.00 -10.03
CA VAL A 398 12.95 14.28 -8.59
C VAL A 398 14.35 14.70 -8.14
N GLY A 399 14.42 15.23 -6.92
CA GLY A 399 15.67 15.75 -6.39
C GLY A 399 16.51 14.74 -5.65
N ALA A 400 15.92 13.62 -5.26
CA ALA A 400 16.65 12.57 -4.55
C ALA A 400 16.03 11.20 -4.73
N LEU A 401 16.86 10.17 -4.59
CA LEU A 401 16.40 8.79 -4.64
C LEU A 401 16.56 8.14 -3.28
N TRP A 402 15.43 7.81 -2.64
CA TRP A 402 15.45 7.08 -1.38
C TRP A 402 15.10 5.63 -1.65
N ALA A 403 16.07 4.88 -2.16
CA ALA A 403 15.84 3.52 -2.61
C ALA A 403 15.77 2.52 -1.46
N LEU A 404 14.75 1.67 -1.48
CA LEU A 404 14.60 0.65 -0.46
C LEU A 404 15.18 -0.69 -0.94
N ASP A 405 15.98 -1.32 -0.08
CA ASP A 405 16.71 -2.52 -0.45
C ASP A 405 16.01 -3.80 -0.02
N SER A 406 15.89 -4.74 -0.95
CA SER A 406 15.26 -6.02 -0.67
C SER A 406 16.10 -6.83 0.33
N LYS A 407 17.42 -6.68 0.24
CA LYS A 407 18.33 -7.40 1.10
C LYS A 407 18.25 -6.90 2.54
N LEU A 408 18.14 -5.58 2.70
CA LEU A 408 18.04 -4.98 4.02
C LEU A 408 16.71 -5.29 4.71
N ALA A 409 15.63 -5.26 3.94
CA ALA A 409 14.31 -5.60 4.46
C ALA A 409 14.29 -7.05 4.93
N TYR A 410 14.98 -7.90 4.18
CA TYR A 410 15.15 -9.30 4.52
C TYR A 410 15.82 -9.44 5.89
N LYS A 411 16.77 -8.55 6.16
CA LYS A 411 17.48 -8.55 7.44
C LYS A 411 16.68 -7.87 8.55
N ARG A 412 15.49 -7.39 8.19
CA ARG A 412 14.68 -6.55 9.08
C ARG A 412 15.42 -5.27 9.47
N HIS A 413 16.28 -4.80 8.57
CA HIS A 413 16.99 -3.53 8.73
C HIS A 413 16.09 -2.41 8.21
N TYR A 414 15.35 -1.78 9.11
CA TYR A 414 14.41 -0.73 8.72
C TYR A 414 14.83 0.63 9.27
N PRO A 415 14.77 1.67 8.43
CA PRO A 415 14.36 1.64 7.01
C PRO A 415 15.39 0.96 6.12
N ALA A 416 14.91 0.20 5.12
CA ALA A 416 15.77 -0.55 4.24
C ALA A 416 16.41 0.32 3.15
N ILE A 417 16.83 1.53 3.53
CA ILE A 417 17.44 2.46 2.58
C ILE A 417 18.81 1.97 2.14
N ASN A 418 18.96 1.75 0.84
CA ASN A 418 20.26 1.40 0.28
C ASN A 418 21.16 2.64 0.27
N TYR A 419 22.05 2.74 1.25
CA TYR A 419 22.88 3.92 1.41
C TYR A 419 23.93 4.09 0.31
N LEU A 420 24.06 3.08 -0.55
CA LEU A 420 25.03 3.15 -1.64
C LEU A 420 24.38 3.59 -2.95
N ILE A 421 23.17 3.10 -3.21
CA ILE A 421 22.45 3.44 -4.43
C ILE A 421 21.70 4.77 -4.28
N SER A 422 21.19 5.03 -3.08
CA SER A 422 20.44 6.24 -2.81
C SER A 422 21.31 7.48 -2.99
N TYR A 423 20.67 8.60 -3.30
CA TYR A 423 21.40 9.86 -3.45
C TYR A 423 20.51 11.06 -3.14
N THR A 424 21.14 12.23 -3.10
CA THR A 424 20.41 13.50 -3.07
C THR A 424 21.11 14.49 -3.98
N LYS A 425 20.31 15.30 -4.68
CA LYS A 425 20.85 16.31 -5.58
C LYS A 425 20.66 17.69 -4.99
N GLN A 426 20.35 17.73 -3.69
CA GLN A 426 20.02 18.99 -3.02
C GLN A 426 20.81 19.20 -1.75
N TRP A 427 21.91 18.47 -1.59
CA TRP A 427 22.75 18.59 -0.40
C TRP A 427 23.43 19.96 -0.32
N GLU A 428 23.84 20.48 -1.46
CA GLU A 428 24.54 21.77 -1.51
C GLU A 428 23.62 22.91 -1.09
N PHE A 429 22.32 22.69 -1.17
CA PHE A 429 21.34 23.71 -0.82
C PHE A 429 20.94 23.65 0.64
N VAL A 430 21.29 22.56 1.32
CA VAL A 430 20.85 22.35 2.69
C VAL A 430 22.03 22.28 3.66
N LYS A 431 23.25 22.15 3.13
CA LYS A 431 24.42 22.04 3.98
C LYS A 431 24.68 23.32 4.77
N LYS A 432 24.24 24.45 4.22
CA LYS A 432 24.39 25.74 4.87
C LYS A 432 23.72 25.76 6.24
N TYR A 433 22.54 25.14 6.30
CA TYR A 433 21.80 25.01 7.55
C TYR A 433 22.61 24.26 8.60
N PHE A 434 23.28 23.20 8.16
CA PHE A 434 24.05 22.37 9.08
C PHE A 434 25.42 22.97 9.37
N GLU A 435 26.04 23.58 8.37
CA GLU A 435 27.33 24.22 8.55
C GLU A 435 27.28 25.30 9.63
N GLU A 436 26.13 25.97 9.75
CA GLU A 436 25.95 27.01 10.76
C GLU A 436 25.66 26.43 12.14
N LEU A 437 24.65 25.57 12.21
CA LEU A 437 24.14 25.10 13.51
C LEU A 437 24.88 23.88 14.06
N TYR A 438 25.52 23.12 13.18
CA TYR A 438 26.27 21.94 13.59
C TYR A 438 27.49 21.76 12.67
N GLU A 439 28.54 22.53 12.92
CA GLU A 439 29.68 22.58 11.98
C GLU A 439 30.41 21.25 11.81
N ASP A 440 30.37 20.40 12.83
CA ASP A 440 31.16 19.17 12.81
C ASP A 440 30.47 17.99 12.14
N VAL A 441 29.19 18.13 11.79
CA VAL A 441 28.45 17.01 11.23
C VAL A 441 28.71 16.79 9.74
N ILE A 442 29.25 17.80 9.06
CA ILE A 442 29.61 17.67 7.66
C ILE A 442 30.73 16.63 7.53
N GLU A 443 31.69 16.69 8.43
CA GLU A 443 32.79 15.74 8.45
C GLU A 443 32.29 14.34 8.81
N ILE A 444 31.44 14.28 9.84
CA ILE A 444 30.90 13.01 10.32
C ILE A 444 30.02 12.33 9.28
N ARG A 445 29.28 13.14 8.52
CA ARG A 445 28.45 12.62 7.44
C ARG A 445 29.31 11.95 6.37
N GLU A 446 30.33 12.67 5.91
CA GLU A 446 31.29 12.12 4.95
C GLU A 446 31.97 10.90 5.54
N GLU A 447 32.22 10.96 6.85
CA GLU A 447 32.86 9.88 7.57
C GLU A 447 31.96 8.63 7.58
N PHE A 448 30.67 8.84 7.83
CA PHE A 448 29.72 7.73 7.83
C PHE A 448 29.57 7.12 6.44
N PHE A 449 29.58 7.97 5.42
CA PHE A 449 29.54 7.49 4.04
C PHE A 449 30.79 6.68 3.70
N ALA A 450 31.95 7.20 4.11
CA ALA A 450 33.21 6.54 3.82
C ALA A 450 33.32 5.19 4.52
N ILE A 451 32.86 5.13 5.76
CA ILE A 451 32.90 3.89 6.53
C ILE A 451 31.99 2.83 5.92
N LEU A 452 30.76 3.22 5.59
CA LEU A 452 29.80 2.31 4.97
C LEU A 452 30.30 1.81 3.62
N LYS A 453 30.94 2.70 2.87
CA LYS A 453 31.49 2.34 1.57
C LYS A 453 32.64 1.35 1.70
N ARG A 454 33.51 1.58 2.68
CA ARG A 454 34.66 0.71 2.91
C ARG A 454 34.24 -0.65 3.46
N GLU A 455 33.18 -0.66 4.27
CA GLU A 455 32.62 -1.90 4.78
C GLU A 455 32.02 -2.72 3.65
N SER A 456 31.47 -2.03 2.66
CA SER A 456 30.89 -2.67 1.48
C SER A 456 31.96 -3.40 0.67
N GLU A 457 33.06 -2.71 0.41
CA GLU A 457 34.16 -3.27 -0.35
C GLU A 457 34.74 -4.51 0.33
N LEU A 458 34.75 -4.49 1.67
CA LEU A 458 35.32 -5.56 2.46
C LEU A 458 34.48 -6.83 2.46
N MET A 459 33.20 -6.71 2.10
CA MET A 459 32.30 -7.86 2.14
C MET A 459 32.59 -8.87 1.04
N ASP A 460 33.19 -8.42 -0.06
CA ASP A 460 33.57 -9.31 -1.14
C ASP A 460 34.76 -10.15 -0.71
N ILE A 461 35.68 -9.53 0.02
CA ILE A 461 36.88 -10.20 0.51
C ILE A 461 36.53 -11.21 1.58
N VAL A 462 35.52 -10.88 2.38
CA VAL A 462 35.10 -11.70 3.51
C VAL A 462 34.51 -13.05 3.08
N SER A 463 33.57 -13.00 2.14
CA SER A 463 32.86 -14.19 1.70
C SER A 463 33.79 -15.24 1.07
N ILE A 464 34.89 -14.77 0.47
CA ILE A 464 35.89 -15.67 -0.10
C ILE A 464 37.25 -15.47 0.55
N VAL A 465 37.27 -15.37 1.88
CA VAL A 465 38.50 -15.19 2.62
C VAL A 465 38.34 -15.47 4.11
N GLY A 466 37.24 -14.99 4.68
CA GLY A 466 36.99 -15.16 6.11
C GLY A 466 36.95 -13.83 6.82
N PRO A 467 35.86 -13.56 7.56
CA PRO A 467 35.65 -12.29 8.25
C PRO A 467 36.65 -12.02 9.37
N ASP A 468 37.15 -13.07 10.01
CA ASP A 468 38.11 -12.92 11.11
C ASP A 468 39.55 -12.99 10.62
N ALA A 469 39.73 -13.23 9.32
CA ALA A 469 41.07 -13.34 8.74
C ALA A 469 41.54 -12.01 8.18
N LEU A 470 40.93 -10.92 8.65
CA LEU A 470 41.29 -9.58 8.19
C LEU A 470 42.20 -8.89 9.18
N SER A 471 42.78 -7.77 8.77
CA SER A 471 43.60 -6.97 9.68
C SER A 471 42.70 -6.07 10.51
N ASP A 472 43.21 -5.57 11.63
CA ASP A 472 42.44 -4.70 12.51
C ASP A 472 42.27 -3.31 11.90
N ASN A 473 43.04 -3.03 10.86
CA ASN A 473 42.88 -1.79 10.11
C ASN A 473 41.73 -1.91 9.12
N GLU A 474 41.22 -3.13 8.96
CA GLU A 474 40.09 -3.40 8.10
C GLU A 474 38.85 -3.73 8.93
N LYS A 475 39.05 -4.54 9.98
CA LYS A 475 37.97 -4.98 10.85
C LYS A 475 37.28 -3.81 11.56
N ILE A 476 37.96 -2.67 11.63
CA ILE A 476 37.39 -1.49 12.27
C ILE A 476 36.18 -0.97 11.50
N TYR A 477 36.22 -1.11 10.17
CA TYR A 477 35.12 -0.64 9.33
C TYR A 477 33.90 -1.53 9.46
N LEU A 478 34.13 -2.83 9.65
CA LEU A 478 33.05 -3.77 9.91
C LEU A 478 32.46 -3.46 11.29
N HIS A 479 33.33 -3.08 12.21
CA HIS A 479 32.93 -2.73 13.57
C HIS A 479 32.13 -1.42 13.58
N MET A 480 32.73 -0.37 13.02
CA MET A 480 32.09 0.94 12.95
C MET A 480 30.83 0.91 12.10
N GLY A 481 30.90 0.20 10.98
CA GLY A 481 29.77 0.10 10.07
C GLY A 481 28.54 -0.49 10.75
N ARG A 482 28.76 -1.54 11.53
CA ARG A 482 27.68 -2.18 12.27
C ARG A 482 27.05 -1.21 13.26
N ILE A 483 27.87 -0.35 13.84
CA ILE A 483 27.38 0.65 14.79
C ILE A 483 26.56 1.71 14.06
N ILE A 484 27.04 2.14 12.90
CA ILE A 484 26.33 3.11 12.07
C ILE A 484 25.00 2.53 11.62
N ARG A 485 25.02 1.29 11.16
CA ARG A 485 23.81 0.62 10.69
C ARG A 485 22.80 0.39 11.81
N GLU A 486 23.17 -0.41 12.81
CA GLU A 486 22.25 -0.80 13.87
C GLU A 486 21.95 0.32 14.86
N GLY A 487 22.79 1.36 14.88
CA GLY A 487 22.65 2.41 15.86
C GLY A 487 22.08 3.72 15.32
N PHE A 488 22.39 4.04 14.07
CA PHE A 488 21.99 5.33 13.50
C PHE A 488 21.00 5.19 12.35
N LEU A 489 21.37 4.37 11.36
CA LEU A 489 20.54 4.22 10.15
C LEU A 489 19.20 3.54 10.45
N GLN A 490 19.23 2.48 11.24
CA GLN A 490 18.00 1.80 11.65
C GLN A 490 17.18 2.67 12.59
N GLN A 491 15.86 2.61 12.44
CA GLN A 491 14.96 3.40 13.26
C GLN A 491 13.60 2.73 13.37
N ASP A 492 13.27 2.25 14.58
CA ASP A 492 12.05 1.50 14.80
C ASP A 492 10.82 2.41 14.79
N ALA A 493 10.04 2.32 13.71
CA ALA A 493 8.86 3.16 13.53
C ALA A 493 7.79 2.85 14.58
N PHE A 494 7.84 1.66 15.14
CA PHE A 494 6.81 1.22 16.08
C PHE A 494 7.34 1.13 17.51
N ASP A 495 8.44 1.82 17.75
CA ASP A 495 8.93 2.00 19.12
C ASP A 495 8.54 3.39 19.57
N GLU A 496 8.33 3.57 20.87
CA GLU A 496 7.82 4.83 21.39
C GLU A 496 8.91 5.90 21.38
N ASN A 497 10.13 5.52 21.74
CA ASN A 497 11.23 6.48 21.85
C ASN A 497 12.02 6.64 20.56
N ASP A 498 11.88 5.67 19.65
CA ASP A 498 12.71 5.64 18.45
C ASP A 498 11.98 6.13 17.20
N SER A 499 10.64 6.04 17.21
CA SER A 499 9.83 6.42 16.05
C SER A 499 10.18 7.79 15.53
N TYR A 500 10.27 8.77 16.43
CA TYR A 500 10.65 10.12 16.07
C TYR A 500 12.06 10.44 16.55
N SER A 501 12.87 10.97 15.64
CA SER A 501 14.24 11.38 15.98
C SER A 501 14.46 12.85 15.64
N PRO A 502 14.35 13.72 16.65
CA PRO A 502 14.63 15.14 16.45
C PRO A 502 16.10 15.36 16.15
N LEU A 503 16.44 16.49 15.52
CA LEU A 503 17.82 16.76 15.14
C LEU A 503 18.79 16.70 16.32
N GLU A 504 18.30 17.06 17.50
CA GLU A 504 19.10 16.96 18.71
C GLU A 504 19.59 15.53 18.93
N LYS A 505 18.65 14.59 18.88
CA LYS A 505 18.98 13.17 19.06
C LYS A 505 19.84 12.67 17.91
N THR A 506 19.51 13.09 16.70
CA THR A 506 20.23 12.67 15.50
C THR A 506 21.69 13.12 15.52
N ILE A 507 21.92 14.39 15.83
CA ILE A 507 23.27 14.94 15.89
C ILE A 507 24.08 14.31 17.03
N GLU A 508 23.44 14.10 18.17
CA GLU A 508 24.11 13.52 19.32
C GLU A 508 24.59 12.10 19.04
N LEU A 509 23.80 11.35 18.29
CA LEU A 509 24.19 10.01 17.86
C LEU A 509 25.41 10.08 16.96
N MET A 510 25.44 11.07 16.08
CA MET A 510 26.58 11.25 15.19
C MET A 510 27.83 11.63 15.97
N ARG A 511 27.67 12.55 16.92
CA ARG A 511 28.79 13.05 17.70
C ARG A 511 29.41 11.98 18.60
N ILE A 512 28.57 11.12 19.16
CA ILE A 512 29.05 10.09 20.08
C ILE A 512 29.72 8.93 19.34
N ILE A 513 29.25 8.63 18.14
CA ILE A 513 29.85 7.59 17.30
C ILE A 513 31.20 8.06 16.78
N HIS A 514 31.25 9.33 16.37
CA HIS A 514 32.49 9.94 15.90
C HIS A 514 33.51 10.03 17.03
N LYS A 515 33.03 10.35 18.23
CA LYS A 515 33.88 10.46 19.40
C LYS A 515 34.46 9.08 19.75
N TYR A 516 33.67 8.05 19.49
CA TYR A 516 34.10 6.68 19.70
C TYR A 516 35.05 6.23 18.60
N TYR A 517 34.84 6.77 17.40
CA TYR A 517 35.64 6.39 16.23
C TYR A 517 37.09 6.82 16.35
N VAL A 518 37.31 8.09 16.69
CA VAL A 518 38.66 8.63 16.79
C VAL A 518 39.42 8.01 17.96
N THR A 519 38.68 7.49 18.93
CA THR A 519 39.28 6.85 20.09
C THR A 519 39.86 5.49 19.71
N VAL A 520 39.10 4.73 18.94
CA VAL A 520 39.53 3.41 18.49
C VAL A 520 40.71 3.49 17.52
N LYS A 521 40.68 4.46 16.63
CA LYS A 521 41.73 4.62 15.62
C LYS A 521 43.11 4.83 16.23
N GLN A 522 43.19 5.69 17.25
CA GLN A 522 44.47 5.97 17.91
C GLN A 522 44.76 4.94 19.00
N LEU A 523 44.13 3.78 18.91
CA LEU A 523 44.34 2.70 19.86
C LEU A 523 44.76 1.42 19.14
N LEU A 524 44.96 1.53 17.83
CA LEU A 524 45.40 0.39 17.02
C LEU A 524 46.88 0.10 17.25
N GLY A 525 47.25 -1.17 17.19
CA GLY A 525 48.62 -1.59 17.41
C GLY A 525 48.94 -1.69 18.89
N LYS A 526 48.34 -0.81 19.67
CA LYS A 526 48.53 -0.80 21.12
C LYS A 526 47.59 -1.82 21.76
N ILE A 527 46.30 -1.68 21.45
CA ILE A 527 45.29 -2.63 21.90
C ILE A 527 44.58 -3.23 20.70
N PRO A 528 44.53 -4.57 20.62
CA PRO A 528 43.84 -5.23 19.52
C PRO A 528 42.34 -4.93 19.55
N LEU A 529 41.70 -4.97 18.38
CA LEU A 529 40.29 -4.65 18.28
C LEU A 529 39.44 -5.65 19.05
N GLU A 530 39.92 -6.89 19.15
CA GLU A 530 39.22 -7.94 19.87
C GLU A 530 39.00 -7.57 21.33
N GLU A 531 40.05 -7.04 21.95
CA GLU A 531 40.00 -6.67 23.36
C GLU A 531 39.09 -5.46 23.58
N ILE A 532 39.11 -4.53 22.62
CA ILE A 532 38.29 -3.33 22.69
C ILE A 532 36.80 -3.65 22.67
N GLU A 533 36.41 -4.54 21.76
CA GLU A 533 35.01 -4.93 21.61
C GLU A 533 34.46 -5.60 22.86
N GLN A 534 35.34 -6.22 23.64
CA GLN A 534 34.95 -6.92 24.86
C GLN A 534 34.45 -5.95 25.93
N LYS A 535 34.90 -4.70 25.84
CA LYS A 535 34.53 -3.69 26.82
C LYS A 535 33.20 -3.00 26.50
N GLY A 536 32.32 -3.71 25.81
CA GLY A 536 31.00 -3.19 25.49
C GLY A 536 31.03 -1.92 24.65
N ILE A 537 30.45 -0.85 25.20
CA ILE A 537 30.39 0.45 24.55
C ILE A 537 29.71 0.41 23.16
N HIS A 538 30.28 -0.34 22.24
CA HIS A 538 29.74 -0.44 20.89
C HIS A 538 28.32 -1.00 20.90
N GLU A 539 28.01 -1.82 21.90
CA GLU A 539 26.67 -2.36 22.06
C GLU A 539 25.77 -1.35 22.76
N LYS A 540 26.37 -0.51 23.59
CA LYS A 540 25.62 0.48 24.37
C LYS A 540 25.21 1.66 23.49
N ILE A 541 26.04 1.98 22.51
CA ILE A 541 25.74 3.03 21.56
C ILE A 541 24.57 2.61 20.67
N ILE A 542 24.58 1.35 20.25
CA ILE A 542 23.53 0.80 19.39
C ILE A 542 22.13 0.93 20.00
N LYS A 543 22.04 0.74 21.31
CA LYS A 543 20.74 0.74 22.00
C LYS A 543 20.29 2.14 22.40
N LEU A 544 21.11 3.14 22.12
CA LEU A 544 20.82 4.51 22.51
C LEU A 544 19.52 5.05 21.91
N ARG A 545 19.23 4.63 20.69
CA ARG A 545 18.05 5.14 19.98
C ARG A 545 16.73 4.64 20.56
N TYR A 546 16.81 3.59 21.39
CA TYR A 546 15.62 3.02 22.01
C TYR A 546 15.25 3.73 23.31
N LYS A 547 16.18 4.51 23.85
CA LYS A 547 15.97 5.20 25.12
C LYS A 547 15.31 6.56 24.95
N SER A 548 14.60 6.98 25.99
CA SER A 548 13.89 8.26 25.97
C SER A 548 14.85 9.44 25.91
N LEU A 549 14.29 10.65 25.84
CA LEU A 549 15.07 11.87 25.79
C LEU A 549 15.91 12.05 27.04
N LYS A 550 15.39 11.61 28.17
CA LYS A 550 16.11 11.72 29.43
C LYS A 550 17.11 10.59 29.61
N GLU A 551 16.65 9.35 29.39
CA GLU A 551 17.51 8.19 29.50
C GLU A 551 18.67 8.23 28.52
N PHE A 552 18.43 8.84 27.36
CA PHE A 552 19.44 8.93 26.33
C PHE A 552 20.56 9.88 26.66
N ARG A 553 20.21 11.11 27.05
CA ARG A 553 21.20 12.15 27.31
C ARG A 553 22.18 11.79 28.43
N GLU A 554 21.72 11.02 29.40
CA GLU A 554 22.58 10.62 30.51
C GLU A 554 23.45 9.42 30.15
N GLU A 555 22.90 8.52 29.35
CA GLU A 555 23.64 7.35 28.88
C GLU A 555 24.80 7.81 28.00
N ILE A 556 24.59 8.92 27.29
CA ILE A 556 25.64 9.52 26.49
C ILE A 556 26.83 9.92 27.37
N LYS A 557 26.53 10.57 28.48
CA LYS A 557 27.55 10.96 29.45
C LYS A 557 28.27 9.72 29.98
N ALA A 558 27.50 8.67 30.23
CA ALA A 558 28.05 7.42 30.73
C ALA A 558 29.04 6.82 29.72
N ILE A 559 28.67 6.89 28.44
CA ILE A 559 29.52 6.39 27.37
C ILE A 559 30.76 7.26 27.20
N GLU A 560 30.56 8.57 27.25
CA GLU A 560 31.68 9.52 27.17
C GLU A 560 32.69 9.28 28.28
N GLN A 561 32.19 9.00 29.48
CA GLN A 561 33.05 8.73 30.61
C GLN A 561 33.68 7.34 30.47
N GLU A 562 32.90 6.40 29.96
CA GLU A 562 33.39 5.03 29.78
C GLU A 562 34.46 4.98 28.70
N ILE A 563 34.51 6.01 27.88
CA ILE A 563 35.63 6.21 26.96
C ILE A 563 36.73 6.96 27.70
N LEU A 564 37.78 6.23 28.07
CA LEU A 564 38.87 6.81 28.85
C LEU A 564 40.23 6.54 28.20
N SER A 565 40.21 5.79 27.11
CA SER A 565 41.42 5.52 26.31
C SER A 565 42.56 4.88 27.10
N LEU A 566 43.23 5.70 27.91
CA LEU A 566 44.40 5.26 28.65
C LEU A 566 44.17 4.08 29.57
N LEU A 567 44.51 2.89 29.09
CA LEU A 567 44.42 1.68 29.87
C LEU A 567 45.65 0.80 29.69
N PRO B 2 -24.67 -15.06 -36.50
CA PRO B 2 -24.04 -15.44 -35.24
C PRO B 2 -22.63 -15.98 -35.45
N SER B 3 -21.99 -16.39 -34.36
CA SER B 3 -20.65 -16.97 -34.40
C SER B 3 -20.40 -17.76 -33.13
N ILE B 4 -19.77 -18.93 -33.27
CA ILE B 4 -19.53 -19.79 -32.11
C ILE B 4 -18.27 -20.65 -32.18
N LYS B 5 -17.37 -20.41 -31.24
CA LYS B 5 -16.28 -21.32 -30.95
C LYS B 5 -16.08 -21.35 -29.44
N PRO B 6 -16.49 -22.47 -28.80
CA PRO B 6 -16.49 -22.65 -27.35
C PRO B 6 -15.19 -22.22 -26.69
N PRO B 7 -15.28 -21.55 -25.53
CA PRO B 7 -16.55 -21.20 -24.91
C PRO B 7 -17.00 -19.78 -25.28
N LEU B 8 -16.71 -19.34 -26.49
CA LEU B 8 -17.02 -17.98 -26.89
C LEU B 8 -18.04 -17.93 -28.02
N ILE B 9 -18.94 -16.95 -27.95
CA ILE B 9 -19.92 -16.70 -29.00
C ILE B 9 -20.04 -15.21 -29.32
N ALA B 10 -20.39 -14.91 -30.57
CA ALA B 10 -20.62 -13.53 -31.00
C ALA B 10 -22.02 -13.39 -31.57
N VAL B 11 -22.72 -12.32 -31.21
CA VAL B 11 -24.11 -12.16 -31.62
C VAL B 11 -24.53 -10.68 -31.62
N GLU B 12 -25.63 -10.38 -32.32
CA GLU B 12 -26.18 -9.03 -32.35
C GLU B 12 -27.20 -8.82 -31.23
N LEU B 13 -27.09 -7.67 -30.55
CA LEU B 13 -28.05 -7.28 -29.53
C LEU B 13 -28.43 -5.81 -29.72
N GLU B 14 -29.66 -5.48 -29.35
CA GLU B 14 -30.18 -4.12 -29.52
C GLU B 14 -29.33 -3.09 -28.78
N ASN B 15 -29.46 -3.06 -27.46
CA ASN B 15 -28.62 -2.21 -26.63
C ASN B 15 -27.89 -3.05 -25.59
N PRO B 16 -26.74 -3.62 -25.99
CA PRO B 16 -25.94 -4.54 -25.17
C PRO B 16 -25.54 -3.95 -23.82
N MET B 17 -25.64 -4.75 -22.76
CA MET B 17 -25.21 -4.34 -21.45
C MET B 17 -23.94 -5.10 -21.07
N LEU B 18 -22.94 -4.39 -20.56
CA LEU B 18 -21.70 -5.05 -20.15
C LEU B 18 -21.93 -5.89 -18.91
N GLY B 19 -21.67 -7.19 -19.03
CA GLY B 19 -21.82 -8.12 -17.93
C GLY B 19 -23.20 -8.76 -17.88
N GLU B 20 -24.02 -8.45 -18.88
CA GLU B 20 -25.40 -8.94 -18.94
C GLU B 20 -25.46 -10.45 -19.12
N VAL B 21 -26.37 -11.08 -18.39
CA VAL B 21 -26.60 -12.52 -18.52
C VAL B 21 -27.66 -12.80 -19.58
N ILE B 22 -27.32 -13.64 -20.54
CA ILE B 22 -28.26 -14.03 -21.60
C ILE B 22 -28.52 -15.53 -21.56
N ASP B 23 -29.74 -15.92 -21.92
CA ASP B 23 -30.15 -17.32 -21.85
C ASP B 23 -30.25 -17.98 -23.21
N LEU B 24 -29.76 -19.21 -23.30
CA LEU B 24 -29.95 -20.04 -24.48
C LEU B 24 -30.95 -21.15 -24.15
N GLU B 25 -30.77 -22.31 -24.75
CA GLU B 25 -31.65 -23.44 -24.48
C GLU B 25 -31.40 -24.00 -23.08
N GLU B 26 -30.20 -24.55 -22.88
CA GLU B 26 -29.84 -25.11 -21.59
C GLU B 26 -28.93 -24.19 -20.78
N THR B 27 -27.90 -23.65 -21.44
CA THR B 27 -26.87 -22.89 -20.74
C THR B 27 -27.10 -21.39 -20.79
N LYS B 28 -26.36 -20.68 -19.94
CA LYS B 28 -26.41 -19.22 -19.92
C LYS B 28 -25.11 -18.66 -20.49
N ALA B 29 -24.97 -17.34 -20.45
CA ALA B 29 -23.76 -16.70 -20.96
C ALA B 29 -23.60 -15.30 -20.38
N ILE B 30 -22.36 -14.82 -20.34
CA ILE B 30 -22.06 -13.49 -19.84
C ILE B 30 -21.48 -12.62 -20.95
N VAL B 31 -22.12 -11.49 -21.21
CA VAL B 31 -21.61 -10.53 -22.18
C VAL B 31 -20.37 -9.83 -21.64
N ILE B 32 -19.24 -10.01 -22.32
CA ILE B 32 -17.97 -9.46 -21.86
C ILE B 32 -17.47 -8.33 -22.75
N ALA B 33 -18.20 -8.04 -23.82
CA ALA B 33 -17.84 -6.95 -24.73
C ALA B 33 -19.08 -6.37 -25.38
N ALA B 34 -19.14 -5.04 -25.45
CA ALA B 34 -20.29 -4.35 -26.02
C ALA B 34 -19.90 -3.18 -26.91
N TYR B 35 -19.91 -3.42 -28.21
CA TYR B 35 -19.66 -2.36 -29.19
C TYR B 35 -20.93 -1.55 -29.40
N GLU B 36 -21.41 -1.53 -30.64
CA GLU B 36 -22.67 -0.84 -30.94
C GLU B 36 -23.84 -1.83 -30.85
N ASN B 37 -23.97 -2.66 -31.87
CA ASN B 37 -25.00 -3.69 -31.88
C ASN B 37 -24.39 -5.07 -31.67
N LYS B 38 -23.06 -5.12 -31.71
CA LYS B 38 -22.34 -6.37 -31.53
C LYS B 38 -21.98 -6.65 -30.08
N ALA B 39 -21.84 -7.93 -29.75
CA ALA B 39 -21.51 -8.33 -28.38
C ALA B 39 -20.79 -9.67 -28.34
N LEU B 40 -19.82 -9.79 -27.43
CA LEU B 40 -19.11 -11.04 -27.22
C LEU B 40 -19.52 -11.65 -25.88
N ALA B 41 -19.85 -12.93 -25.88
CA ALA B 41 -20.32 -13.60 -24.67
C ALA B 41 -19.62 -14.93 -24.40
N LEU B 42 -19.45 -15.23 -23.12
CA LEU B 42 -18.81 -16.48 -22.70
C LEU B 42 -19.84 -17.48 -22.20
N LEU B 43 -19.84 -18.67 -22.80
CA LEU B 43 -20.74 -19.74 -22.38
C LEU B 43 -20.42 -20.23 -20.98
N PHE B 44 -21.44 -20.64 -20.25
CA PHE B 44 -21.25 -21.16 -18.90
C PHE B 44 -20.56 -22.51 -18.90
N ASP B 45 -20.75 -23.27 -19.98
CA ASP B 45 -20.15 -24.59 -20.12
C ASP B 45 -20.16 -25.06 -21.57
N TYR B 46 -19.94 -26.36 -21.76
CA TYR B 46 -19.92 -26.95 -23.10
C TYR B 46 -21.30 -26.92 -23.74
N TYR B 47 -21.43 -26.20 -24.85
CA TYR B 47 -22.70 -26.07 -25.54
C TYR B 47 -22.58 -26.43 -27.01
N THR B 48 -23.45 -27.32 -27.47
CA THR B 48 -23.39 -27.85 -28.83
C THR B 48 -24.42 -27.19 -29.75
N GLY B 49 -25.57 -26.84 -29.18
CA GLY B 49 -26.68 -26.31 -29.95
C GLY B 49 -26.41 -25.01 -30.70
N GLU B 50 -27.42 -24.54 -31.44
CA GLU B 50 -27.29 -23.31 -32.20
C GLU B 50 -27.60 -22.08 -31.36
N ILE B 51 -26.97 -20.97 -31.68
CA ILE B 51 -27.16 -19.73 -30.95
C ILE B 51 -28.34 -18.93 -31.51
N LYS B 52 -29.50 -19.58 -31.62
CA LYS B 52 -30.69 -18.97 -32.16
C LYS B 52 -31.40 -18.05 -31.17
N GLN B 53 -32.43 -18.59 -30.53
CA GLN B 53 -33.21 -17.83 -29.57
C GLN B 53 -32.38 -17.42 -28.36
N ILE B 54 -32.41 -16.14 -28.01
CA ILE B 54 -31.66 -15.63 -26.87
C ILE B 54 -32.54 -14.81 -25.93
N ASN B 55 -32.65 -15.26 -24.69
CA ASN B 55 -33.39 -14.52 -23.67
C ASN B 55 -32.44 -13.70 -22.79
N ARG B 56 -32.66 -12.40 -22.75
CA ARG B 56 -31.78 -11.49 -22.02
C ARG B 56 -32.32 -11.15 -20.64
N GLN B 57 -31.60 -11.60 -19.60
CA GLN B 57 -31.94 -11.20 -18.24
C GLN B 57 -31.65 -9.71 -18.07
N GLY B 58 -32.44 -9.05 -17.24
CA GLY B 58 -32.36 -7.61 -17.10
C GLY B 58 -31.11 -7.10 -16.40
N ASN B 59 -30.31 -8.01 -15.84
CA ASN B 59 -29.17 -7.61 -15.03
C ASN B 59 -27.93 -8.49 -15.19
N THR B 60 -26.84 -8.06 -14.58
CA THR B 60 -25.59 -8.83 -14.56
C THR B 60 -25.74 -10.02 -13.61
N TYR B 61 -24.73 -10.87 -13.56
CA TYR B 61 -24.82 -12.08 -12.75
C TYR B 61 -24.89 -11.78 -11.26
N LYS B 62 -25.94 -12.26 -10.62
CA LYS B 62 -26.16 -12.08 -9.19
C LYS B 62 -26.53 -13.42 -8.55
N ILE B 63 -26.19 -13.58 -7.28
CA ILE B 63 -26.56 -14.78 -6.54
C ILE B 63 -27.44 -14.46 -5.34
N ALA B 64 -28.38 -15.35 -5.03
CA ALA B 64 -29.22 -15.21 -3.87
C ALA B 64 -28.45 -15.63 -2.63
N VAL B 65 -28.40 -14.75 -1.63
CA VAL B 65 -27.60 -15.01 -0.44
C VAL B 65 -28.43 -15.42 0.77
N SER B 66 -27.94 -16.45 1.48
CA SER B 66 -28.54 -16.92 2.71
C SER B 66 -27.53 -17.80 3.42
N GLU B 67 -27.92 -18.36 4.56
CA GLU B 67 -27.03 -19.25 5.30
C GLU B 67 -27.21 -20.70 4.85
N ASP B 68 -27.92 -20.89 3.74
CA ASP B 68 -28.17 -22.22 3.21
C ASP B 68 -26.95 -22.82 2.54
N TYR B 69 -26.02 -21.96 2.12
CA TYR B 69 -24.79 -22.40 1.47
C TYR B 69 -23.92 -23.19 2.42
N ILE B 70 -24.06 -22.91 3.72
CA ILE B 70 -23.29 -23.61 4.75
C ILE B 70 -23.64 -25.09 4.78
N GLY B 71 -22.63 -25.93 4.56
CA GLY B 71 -22.82 -27.36 4.55
C GLY B 71 -22.94 -27.95 3.15
N GLY B 72 -23.06 -27.07 2.16
CA GLY B 72 -23.24 -27.50 0.78
C GLY B 72 -22.03 -27.32 -0.11
N ILE B 73 -22.03 -28.03 -1.24
CA ILE B 73 -20.96 -27.92 -2.22
C ILE B 73 -21.51 -27.40 -3.54
N PHE B 74 -20.88 -26.37 -4.09
CA PHE B 74 -21.40 -25.70 -5.27
C PHE B 74 -20.31 -25.55 -6.32
N ASN B 75 -20.71 -25.16 -7.53
CA ASN B 75 -19.73 -24.85 -8.58
C ASN B 75 -19.28 -23.41 -8.51
N GLY B 76 -18.61 -22.95 -9.57
CA GLY B 76 -18.10 -21.58 -9.61
C GLY B 76 -19.20 -20.54 -9.73
N PHE B 77 -20.35 -20.95 -10.23
CA PHE B 77 -21.48 -20.04 -10.39
C PHE B 77 -22.34 -19.99 -9.12
N GLY B 78 -21.97 -20.79 -8.13
CA GLY B 78 -22.72 -20.85 -6.89
C GLY B 78 -23.83 -21.89 -6.94
N GLU B 79 -24.08 -22.43 -8.13
CA GLU B 79 -25.10 -23.45 -8.32
C GLU B 79 -24.74 -24.74 -7.59
N PRO B 80 -25.73 -25.36 -6.95
CA PRO B 80 -25.51 -26.59 -6.17
C PRO B 80 -25.19 -27.80 -7.06
N ILE B 81 -24.12 -28.50 -6.73
CA ILE B 81 -23.71 -29.68 -7.47
C ILE B 81 -24.53 -30.90 -7.05
N LYS B 82 -24.47 -31.20 -5.75
CA LYS B 82 -25.21 -32.33 -5.20
C LYS B 82 -26.70 -31.99 -5.12
N GLY B 83 -27.02 -30.99 -4.32
CA GLY B 83 -28.39 -30.54 -4.13
C GLY B 83 -28.52 -29.67 -2.90
N PRO B 84 -29.58 -28.88 -2.83
CA PRO B 84 -30.57 -28.82 -3.88
C PRO B 84 -31.25 -27.47 -3.93
N LYS B 85 -30.47 -26.45 -4.34
CA LYS B 85 -30.93 -25.05 -4.43
C LYS B 85 -31.22 -24.41 -3.06
N PRO B 86 -30.45 -23.36 -2.72
CA PRO B 86 -30.66 -22.59 -1.50
C PRO B 86 -31.82 -21.61 -1.64
N TYR B 87 -32.24 -21.00 -0.53
CA TYR B 87 -33.35 -20.05 -0.53
C TYR B 87 -33.09 -18.89 -1.48
N PRO B 88 -33.82 -18.84 -2.61
CA PRO B 88 -33.61 -17.81 -3.63
C PRO B 88 -34.14 -16.43 -3.18
N GLU B 89 -33.51 -15.86 -2.16
CA GLU B 89 -33.92 -14.56 -1.64
C GLU B 89 -32.78 -13.56 -1.61
N ASP B 90 -33.07 -12.34 -2.04
CA ASP B 90 -32.11 -11.24 -2.02
C ASP B 90 -30.85 -11.52 -2.84
N TYR B 91 -30.91 -11.18 -4.13
CA TYR B 91 -29.79 -11.41 -5.04
C TYR B 91 -28.75 -10.29 -4.96
N ARG B 92 -27.48 -10.69 -4.94
CA ARG B 92 -26.39 -9.73 -4.83
C ARG B 92 -25.43 -9.85 -6.01
N ASP B 93 -25.01 -8.70 -6.53
CA ASP B 93 -23.98 -8.66 -7.56
C ASP B 93 -22.71 -9.28 -7.01
N ILE B 94 -22.18 -10.27 -7.73
CA ILE B 94 -21.03 -11.04 -7.25
C ILE B 94 -19.75 -10.22 -7.15
N ASN B 95 -19.71 -9.08 -7.85
CA ASN B 95 -18.57 -8.18 -7.78
C ASN B 95 -18.53 -7.44 -6.46
N GLY B 96 -19.71 -7.18 -5.89
CA GLY B 96 -19.82 -6.49 -4.62
C GLY B 96 -19.41 -5.03 -4.71
N LEU B 97 -19.09 -4.44 -3.57
CA LEU B 97 -18.66 -3.05 -3.50
C LEU B 97 -17.38 -2.90 -2.68
N ALA B 98 -16.64 -1.82 -2.94
CA ALA B 98 -15.43 -1.55 -2.17
C ALA B 98 -15.81 -1.07 -0.77
N ILE B 99 -15.12 -1.59 0.24
CA ILE B 99 -15.38 -1.22 1.61
C ILE B 99 -14.80 0.16 1.94
N ASN B 100 -15.63 1.02 2.52
CA ASN B 100 -15.20 2.34 2.97
C ASN B 100 -14.17 2.19 4.08
N PRO B 101 -12.93 2.66 3.84
CA PRO B 101 -11.85 2.53 4.84
C PRO B 101 -12.16 3.26 6.14
N TYR B 102 -13.13 4.17 6.11
CA TYR B 102 -13.60 4.85 7.31
C TYR B 102 -14.38 3.87 8.18
N ALA B 103 -15.09 2.95 7.53
CA ALA B 103 -15.92 1.98 8.21
C ALA B 103 -15.13 0.76 8.66
N ARG B 104 -13.86 0.71 8.27
CA ARG B 104 -13.01 -0.41 8.60
C ARG B 104 -12.47 -0.32 10.02
N LYS B 105 -12.10 -1.47 10.58
CA LYS B 105 -11.31 -1.53 11.79
C LYS B 105 -10.06 -2.36 11.48
N VAL B 106 -8.90 -1.86 11.88
CA VAL B 106 -7.65 -2.55 11.61
C VAL B 106 -7.49 -3.76 12.52
N PRO B 107 -7.30 -4.95 11.93
CA PRO B 107 -7.08 -6.21 12.63
C PRO B 107 -6.04 -6.11 13.75
N ASN B 108 -6.40 -6.58 14.94
CA ASN B 108 -5.52 -6.49 16.10
C ASN B 108 -5.57 -7.73 16.98
N GLU B 109 -6.36 -8.71 16.56
CA GLU B 109 -6.52 -9.95 17.32
C GLU B 109 -5.91 -11.13 16.58
N ILE B 110 -4.97 -11.81 17.25
CA ILE B 110 -4.28 -12.96 16.65
C ILE B 110 -5.14 -14.21 16.61
N LEU B 111 -5.23 -14.82 15.43
CA LEU B 111 -5.81 -16.16 15.29
C LEU B 111 -4.69 -17.17 15.39
N TYR B 112 -4.52 -17.76 16.56
CA TYR B 112 -3.46 -18.74 16.76
C TYR B 112 -3.69 -20.02 15.96
N THR B 113 -2.68 -20.40 15.18
CA THR B 113 -2.78 -21.56 14.29
C THR B 113 -2.23 -22.81 14.95
N GLY B 114 -1.46 -22.63 16.00
CA GLY B 114 -0.81 -23.75 16.67
C GLY B 114 0.45 -24.17 15.94
N ILE B 115 0.81 -23.42 14.90
CA ILE B 115 2.01 -23.71 14.13
C ILE B 115 3.11 -22.72 14.48
N SER B 116 4.18 -23.22 15.10
CA SER B 116 5.27 -22.40 15.62
C SER B 116 5.86 -21.43 14.60
N SER B 117 6.12 -21.93 13.40
CA SER B 117 6.71 -21.13 12.34
C SER B 117 5.81 -19.98 11.90
N ILE B 118 4.55 -20.01 12.32
CA ILE B 118 3.62 -18.94 11.99
C ILE B 118 3.33 -18.04 13.18
N ASP B 119 2.79 -18.62 14.26
CA ASP B 119 2.30 -17.86 15.41
C ASP B 119 3.33 -16.93 16.05
N VAL B 120 4.59 -17.36 16.09
CA VAL B 120 5.62 -16.57 16.77
C VAL B 120 6.02 -15.30 16.02
N ALA B 121 6.59 -15.48 14.83
CA ALA B 121 7.16 -14.35 14.08
C ALA B 121 6.17 -13.69 13.13
N HIS B 122 5.33 -14.49 12.49
CA HIS B 122 4.39 -13.95 11.51
C HIS B 122 2.95 -14.40 11.78
N PRO B 123 2.38 -14.00 12.94
CA PRO B 123 1.05 -14.47 13.31
C PRO B 123 -0.05 -13.93 12.39
N LEU B 124 -1.08 -14.75 12.18
CA LEU B 124 -2.25 -14.34 11.41
C LEU B 124 -3.28 -13.67 12.32
N LEU B 125 -3.83 -12.55 11.87
CA LEU B 125 -4.81 -11.82 12.67
C LEU B 125 -6.22 -11.94 12.08
N LYS B 126 -7.23 -11.73 12.91
CA LYS B 126 -8.61 -11.83 12.45
C LYS B 126 -8.97 -10.65 11.56
N GLY B 127 -9.42 -10.97 10.34
CA GLY B 127 -9.75 -9.94 9.35
C GLY B 127 -8.59 -9.66 8.43
N GLN B 128 -7.48 -10.36 8.62
CA GLN B 128 -6.28 -10.15 7.82
C GLN B 128 -6.33 -10.96 6.52
N LYS B 129 -5.77 -10.39 5.46
CA LYS B 129 -5.56 -11.12 4.22
C LYS B 129 -4.08 -11.46 4.08
N ILE B 130 -3.77 -12.75 4.16
CA ILE B 130 -2.39 -13.20 4.03
C ILE B 130 -2.33 -14.41 3.10
N ALA B 131 -1.30 -14.46 2.25
CA ALA B 131 -1.24 -15.46 1.20
C ALA B 131 -0.20 -16.55 1.46
N ILE B 132 -0.31 -17.64 0.72
CA ILE B 132 0.69 -18.70 0.77
C ILE B 132 1.39 -18.81 -0.58
N PHE B 133 2.70 -18.63 -0.59
CA PHE B 133 3.48 -18.77 -1.81
C PHE B 133 4.18 -20.13 -1.80
N SER B 134 3.88 -20.97 -2.78
CA SER B 134 4.48 -22.29 -2.84
C SER B 134 5.10 -22.61 -4.19
N PRO B 135 6.32 -23.17 -4.18
CA PRO B 135 6.90 -23.77 -5.37
C PRO B 135 6.08 -24.98 -5.74
N PRO B 136 6.11 -25.40 -7.01
CA PRO B 136 5.36 -26.60 -7.42
C PRO B 136 5.80 -27.83 -6.62
N GLY B 137 4.81 -28.57 -6.10
CA GLY B 137 5.07 -29.85 -5.46
C GLY B 137 5.21 -29.84 -3.95
N LEU B 138 5.07 -28.66 -3.33
CA LEU B 138 5.22 -28.55 -1.88
C LEU B 138 3.85 -28.56 -1.19
N PRO B 139 3.79 -29.09 0.04
CA PRO B 139 2.53 -29.30 0.76
C PRO B 139 1.81 -28.01 1.12
N MET B 140 1.45 -27.22 0.11
CA MET B 140 0.73 -25.96 0.31
C MET B 140 -0.69 -26.24 0.80
N GLU B 141 -1.33 -27.26 0.23
CA GLU B 141 -2.69 -27.61 0.57
C GLU B 141 -2.80 -28.14 2.01
N ARG B 142 -1.82 -28.94 2.42
CA ARG B 142 -1.80 -29.48 3.77
C ARG B 142 -1.65 -28.36 4.81
N LEU B 143 -0.87 -27.34 4.48
CA LEU B 143 -0.64 -26.23 5.40
C LEU B 143 -1.92 -25.45 5.65
N ALA B 144 -2.65 -25.14 4.58
CA ALA B 144 -3.90 -24.40 4.69
C ALA B 144 -4.95 -25.18 5.48
N LEU B 145 -5.03 -26.48 5.21
CA LEU B 145 -5.97 -27.35 5.91
C LEU B 145 -5.66 -27.39 7.40
N GLN B 146 -4.38 -27.51 7.73
CA GLN B 146 -3.94 -27.54 9.12
C GLN B 146 -4.30 -26.24 9.83
N ILE B 147 -4.13 -25.13 9.12
CA ILE B 147 -4.49 -23.82 9.65
C ILE B 147 -5.98 -23.73 9.93
N ALA B 148 -6.79 -24.18 8.98
CA ALA B 148 -8.25 -24.09 9.08
C ALA B 148 -8.82 -24.85 10.28
N ARG B 149 -8.13 -25.91 10.69
CA ARG B 149 -8.59 -26.72 11.82
C ARG B 149 -8.52 -25.90 13.11
N ASN B 150 -7.42 -25.20 13.27
CA ASN B 150 -7.10 -24.59 14.56
C ASN B 150 -7.63 -23.17 14.73
N VAL B 151 -7.93 -22.49 13.62
CA VAL B 151 -8.37 -21.10 13.68
C VAL B 151 -9.86 -20.92 13.38
N ALA B 152 -10.49 -21.98 12.87
CA ALA B 152 -11.90 -21.90 12.50
C ALA B 152 -12.75 -22.97 13.18
N LYS B 153 -12.69 -22.99 14.51
CA LYS B 153 -13.50 -23.92 15.29
C LYS B 153 -14.84 -23.29 15.64
N ASP B 154 -14.89 -21.97 15.59
CA ASP B 154 -16.12 -21.22 15.86
C ASP B 154 -16.51 -20.37 14.65
N LYS B 155 -15.82 -20.59 13.54
CA LYS B 155 -16.01 -19.79 12.35
C LYS B 155 -16.50 -20.62 11.16
N THR B 156 -17.12 -19.94 10.20
CA THR B 156 -17.56 -20.57 8.96
C THR B 156 -16.42 -20.54 7.96
N ILE B 157 -16.09 -21.70 7.39
CA ILE B 157 -15.04 -21.78 6.39
C ILE B 157 -15.62 -21.76 4.98
N ILE B 158 -15.07 -20.92 4.12
CA ILE B 158 -15.45 -20.94 2.71
C ILE B 158 -14.23 -21.29 1.86
N PHE B 159 -14.38 -22.30 1.01
CA PHE B 159 -13.28 -22.76 0.16
C PHE B 159 -13.62 -22.58 -1.30
N ALA B 160 -12.88 -21.70 -1.97
CA ALA B 160 -13.07 -21.46 -3.40
C ALA B 160 -12.00 -22.20 -4.19
N ALA B 161 -12.40 -23.32 -4.81
CA ALA B 161 -11.49 -24.11 -5.62
C ALA B 161 -11.47 -23.60 -7.05
N ILE B 162 -10.31 -23.14 -7.50
CA ILE B 162 -10.18 -22.52 -8.82
C ILE B 162 -9.31 -23.33 -9.77
N GLY B 163 -9.94 -24.14 -10.61
CA GLY B 163 -9.25 -24.88 -11.65
C GLY B 163 -8.35 -26.00 -11.15
N VAL B 164 -8.41 -26.29 -9.86
CA VAL B 164 -7.58 -27.33 -9.27
C VAL B 164 -8.08 -28.71 -9.66
N PRO B 165 -7.15 -29.67 -9.82
CA PRO B 165 -7.50 -31.05 -10.15
C PRO B 165 -8.36 -31.71 -9.06
N SER B 166 -9.03 -32.81 -9.43
CA SER B 166 -9.87 -33.55 -8.50
C SER B 166 -9.13 -33.93 -7.23
N ASP B 167 -7.87 -34.30 -7.39
CA ASP B 167 -7.01 -34.68 -6.26
C ASP B 167 -6.97 -33.60 -5.20
N ILE B 168 -6.98 -32.34 -5.65
CA ILE B 168 -6.81 -31.22 -4.74
C ILE B 168 -8.07 -30.87 -3.95
N TYR B 169 -9.17 -30.60 -4.63
CA TYR B 169 -10.37 -30.16 -3.93
C TYR B 169 -11.02 -31.28 -3.11
N LYS B 170 -10.90 -32.52 -3.57
CA LYS B 170 -11.40 -33.65 -2.80
C LYS B 170 -10.62 -33.81 -1.50
N MET B 171 -9.34 -33.46 -1.54
CA MET B 171 -8.49 -33.49 -0.36
C MET B 171 -9.02 -32.55 0.72
N PHE B 172 -9.53 -31.40 0.28
CA PHE B 172 -10.13 -30.44 1.20
C PHE B 172 -11.47 -30.95 1.72
N ILE B 173 -12.32 -31.43 0.82
CA ILE B 173 -13.64 -31.92 1.17
C ILE B 173 -13.57 -33.04 2.20
N ASP B 174 -12.81 -34.08 1.87
CA ASP B 174 -12.69 -35.25 2.74
C ASP B 174 -12.10 -34.87 4.09
N GLU B 175 -11.33 -33.78 4.12
CA GLU B 175 -10.69 -33.34 5.35
C GLU B 175 -11.63 -32.49 6.19
N PHE B 176 -12.56 -31.80 5.53
CA PHE B 176 -13.60 -31.07 6.24
C PHE B 176 -14.64 -32.04 6.78
N ILE B 177 -14.81 -33.16 6.08
CA ILE B 177 -15.72 -34.21 6.50
C ILE B 177 -15.19 -34.94 7.74
N ASN B 178 -13.91 -35.32 7.71
CA ASN B 178 -13.29 -36.02 8.82
C ASN B 178 -13.30 -35.23 10.12
N THR B 179 -12.96 -33.94 10.02
CA THR B 179 -12.90 -33.07 11.19
C THR B 179 -14.25 -32.48 11.54
N LYS B 180 -15.30 -32.98 10.88
CA LYS B 180 -16.69 -32.57 11.13
C LYS B 180 -16.92 -31.08 10.87
N ALA B 181 -16.04 -30.47 10.06
CA ALA B 181 -16.09 -29.04 9.81
C ALA B 181 -16.75 -28.70 8.48
N ILE B 182 -17.30 -29.70 7.81
CA ILE B 182 -17.96 -29.49 6.52
C ILE B 182 -19.40 -29.03 6.69
N MET B 183 -19.96 -29.27 7.87
CA MET B 183 -21.32 -28.83 8.16
C MET B 183 -21.32 -27.34 8.47
N ASN B 184 -20.18 -26.84 8.93
CA ASN B 184 -20.00 -25.42 9.17
C ASN B 184 -19.09 -24.81 8.11
N SER B 185 -19.36 -25.14 6.85
CA SER B 185 -18.55 -24.62 5.74
C SER B 185 -19.28 -24.66 4.41
N ALA B 186 -18.85 -23.82 3.48
CA ALA B 186 -19.40 -23.81 2.13
C ALA B 186 -18.27 -23.92 1.12
N ILE B 187 -18.46 -24.76 0.11
CA ILE B 187 -17.40 -25.02 -0.86
C ILE B 187 -17.82 -24.68 -2.30
N PHE B 188 -17.01 -23.87 -2.97
CA PHE B 188 -17.27 -23.50 -4.36
C PHE B 188 -16.14 -24.00 -5.26
N ILE B 189 -16.50 -24.78 -6.28
CA ILE B 189 -15.50 -25.49 -7.08
C ILE B 189 -15.65 -25.25 -8.58
N SER B 190 -14.57 -24.80 -9.22
CA SER B 190 -14.51 -24.71 -10.67
C SER B 190 -13.48 -25.69 -11.19
N LYS B 191 -13.91 -26.66 -11.99
CA LYS B 191 -13.03 -27.70 -12.50
C LYS B 191 -12.05 -27.14 -13.52
N ALA B 192 -10.94 -27.85 -13.71
CA ALA B 192 -9.86 -27.39 -14.58
C ALA B 192 -10.30 -27.25 -16.03
N ASP B 193 -11.38 -27.93 -16.40
CA ASP B 193 -11.89 -27.91 -17.77
C ASP B 193 -13.07 -26.98 -17.91
N SER B 194 -13.47 -26.33 -16.82
CA SER B 194 -14.63 -25.44 -16.84
C SER B 194 -14.37 -24.20 -17.68
N SER B 195 -15.44 -23.46 -17.98
CA SER B 195 -15.35 -22.21 -18.71
C SER B 195 -14.54 -21.21 -17.88
N PRO B 196 -13.73 -20.37 -18.55
CA PRO B 196 -12.95 -19.36 -17.83
C PRO B 196 -13.83 -18.38 -17.05
N ILE B 197 -15.07 -18.22 -17.49
CA ILE B 197 -16.00 -17.32 -16.80
C ILE B 197 -16.45 -17.91 -15.45
N GLU B 198 -16.42 -19.23 -15.36
CA GLU B 198 -16.78 -19.90 -14.11
C GLU B 198 -15.63 -19.79 -13.11
N LYS B 199 -14.41 -19.92 -13.61
CA LYS B 199 -13.23 -19.87 -12.77
C LYS B 199 -13.05 -18.51 -12.09
N ILE B 200 -13.22 -17.44 -12.86
CA ILE B 200 -13.07 -16.09 -12.30
C ILE B 200 -14.25 -15.71 -11.43
N TYR B 201 -15.37 -16.40 -11.59
CA TYR B 201 -16.55 -16.15 -10.76
C TYR B 201 -16.46 -16.89 -9.44
N THR B 202 -15.65 -17.95 -9.40
CA THR B 202 -15.46 -18.75 -8.19
C THR B 202 -15.07 -17.94 -6.94
N PRO B 203 -14.06 -17.08 -7.04
CA PRO B 203 -13.74 -16.32 -5.82
C PRO B 203 -14.77 -15.23 -5.53
N ARG B 204 -15.42 -14.72 -6.58
CA ARG B 204 -16.39 -13.65 -6.40
C ARG B 204 -17.67 -14.09 -5.70
N VAL B 205 -18.20 -15.25 -6.08
CA VAL B 205 -19.40 -15.78 -5.42
C VAL B 205 -19.09 -16.18 -3.97
N ALA B 206 -17.87 -16.66 -3.74
CA ALA B 206 -17.46 -17.08 -2.41
C ALA B 206 -17.35 -15.89 -1.48
N LEU B 207 -16.82 -14.79 -2.01
CA LEU B 207 -16.65 -13.58 -1.21
C LEU B 207 -17.94 -12.81 -1.03
N THR B 208 -18.86 -12.93 -1.99
CA THR B 208 -20.16 -12.30 -1.87
C THR B 208 -20.94 -12.93 -0.73
N LEU B 209 -20.81 -14.25 -0.60
CA LEU B 209 -21.41 -14.96 0.52
C LEU B 209 -20.67 -14.61 1.81
N ALA B 210 -19.34 -14.51 1.72
CA ALA B 210 -18.51 -14.21 2.87
C ALA B 210 -18.84 -12.83 3.44
N GLU B 211 -19.08 -11.86 2.56
CA GLU B 211 -19.44 -10.52 2.98
C GLU B 211 -20.84 -10.50 3.61
N TYR B 212 -21.73 -11.34 3.10
CA TYR B 212 -23.07 -11.46 3.65
C TYR B 212 -23.05 -12.05 5.06
N LEU B 213 -22.33 -13.15 5.22
CA LEU B 213 -22.25 -13.84 6.50
C LEU B 213 -21.54 -13.03 7.58
N ALA B 214 -20.59 -12.21 7.16
CA ALA B 214 -19.74 -11.50 8.12
C ALA B 214 -20.21 -10.07 8.41
N PHE B 215 -20.89 -9.45 7.45
CA PHE B 215 -21.23 -8.04 7.58
C PHE B 215 -22.73 -7.73 7.58
N GLU B 216 -23.54 -8.72 7.22
CA GLU B 216 -24.99 -8.59 7.36
C GLU B 216 -25.46 -9.45 8.53
N LYS B 217 -24.99 -10.69 8.57
CA LYS B 217 -25.04 -11.48 9.79
C LYS B 217 -23.73 -11.13 10.47
N ASN B 218 -23.65 -11.31 11.79
CA ASN B 218 -22.43 -10.90 12.49
C ASN B 218 -21.53 -12.09 12.80
N ARG B 219 -20.84 -12.59 11.77
CA ARG B 219 -20.00 -13.77 11.91
C ARG B 219 -18.54 -13.52 11.53
N ASP B 220 -17.65 -14.36 12.05
CA ASP B 220 -16.25 -14.35 11.63
C ASP B 220 -16.05 -15.44 10.58
N VAL B 221 -15.59 -15.03 9.41
CA VAL B 221 -15.46 -15.95 8.27
C VAL B 221 -14.01 -16.18 7.88
N LEU B 222 -13.67 -17.43 7.58
CA LEU B 222 -12.35 -17.77 7.06
C LEU B 222 -12.47 -18.26 5.62
N VAL B 223 -11.93 -17.47 4.68
CA VAL B 223 -11.99 -17.83 3.27
C VAL B 223 -10.64 -18.32 2.76
N LEU B 224 -10.65 -19.48 2.10
CA LEU B 224 -9.46 -20.02 1.48
C LEU B 224 -9.70 -20.14 -0.02
N MET B 225 -8.71 -19.76 -0.83
CA MET B 225 -8.82 -19.94 -2.28
C MET B 225 -7.53 -20.42 -2.95
N LEU B 226 -7.70 -21.17 -4.02
CA LEU B 226 -6.60 -21.87 -4.69
C LEU B 226 -7.13 -22.41 -6.02
N ASP B 227 -6.37 -22.26 -7.10
CA ASP B 227 -5.04 -21.65 -7.11
C ASP B 227 -5.13 -20.31 -7.81
N MET B 228 -4.55 -19.28 -7.20
CA MET B 228 -4.61 -17.93 -7.77
C MET B 228 -3.86 -17.84 -9.10
N THR B 229 -2.91 -18.74 -9.32
CA THR B 229 -2.20 -18.80 -10.58
C THR B 229 -3.11 -19.35 -11.67
N ASN B 230 -4.02 -20.24 -11.30
CA ASN B 230 -5.05 -20.73 -12.21
C ASN B 230 -6.09 -19.65 -12.48
N TYR B 231 -6.33 -18.79 -11.50
CA TYR B 231 -7.23 -17.66 -11.67
C TYR B 231 -6.70 -16.70 -12.73
N ALA B 232 -5.42 -16.37 -12.63
CA ALA B 232 -4.78 -15.45 -13.57
C ALA B 232 -4.81 -16.01 -14.98
N ASP B 233 -4.64 -17.32 -15.11
CA ASP B 233 -4.71 -17.98 -16.41
C ASP B 233 -6.11 -17.84 -16.98
N ALA B 234 -7.12 -18.05 -16.14
CA ALA B 234 -8.50 -17.90 -16.55
C ALA B 234 -8.82 -16.47 -16.96
N LEU B 235 -8.29 -15.52 -16.21
CA LEU B 235 -8.52 -14.11 -16.49
C LEU B 235 -7.82 -13.69 -17.79
N ARG B 236 -6.66 -14.27 -18.03
CA ARG B 236 -5.89 -14.00 -19.25
C ARG B 236 -6.60 -14.57 -20.47
N GLU B 237 -7.28 -15.70 -20.27
CA GLU B 237 -8.03 -16.33 -21.35
C GLU B 237 -9.17 -15.43 -21.82
N ILE B 238 -9.85 -14.81 -20.85
CA ILE B 238 -10.94 -13.89 -21.15
C ILE B 238 -10.40 -12.57 -21.69
N SER B 239 -9.26 -12.14 -21.15
CA SER B 239 -8.58 -10.94 -21.61
C SER B 239 -8.15 -11.06 -23.07
N THR B 240 -7.81 -12.27 -23.48
CA THR B 240 -7.34 -12.55 -24.83
C THR B 240 -8.50 -12.57 -25.82
N LEU B 241 -9.65 -13.08 -25.39
CA LEU B 241 -10.82 -13.20 -26.26
C LEU B 241 -11.32 -11.85 -26.79
N ARG B 242 -10.93 -10.77 -26.13
CA ARG B 242 -11.26 -9.43 -26.61
C ARG B 242 -10.13 -8.86 -27.45
N LYS B 243 -10.22 -7.57 -27.77
CA LYS B 243 -9.19 -6.90 -28.55
C LYS B 243 -8.06 -6.43 -27.65
N GLU B 244 -8.20 -6.75 -26.36
CA GLU B 244 -7.31 -6.22 -25.32
C GLU B 244 -5.82 -6.40 -25.60
N ILE B 245 -5.09 -5.29 -25.52
CA ILE B 245 -3.64 -5.31 -25.68
C ILE B 245 -3.01 -5.94 -24.44
N PRO B 246 -2.22 -7.00 -24.64
CA PRO B 246 -1.66 -7.77 -23.53
C PRO B 246 -0.43 -7.13 -22.91
N SER B 247 -0.22 -7.40 -21.63
CA SER B 247 1.03 -7.01 -20.97
C SER B 247 2.03 -8.14 -21.17
N ARG B 248 2.91 -8.35 -20.19
CA ARG B 248 3.88 -9.44 -20.28
C ARG B 248 3.22 -10.80 -20.09
N ARG B 249 3.69 -11.78 -20.86
CA ARG B 249 3.22 -13.15 -20.79
C ARG B 249 1.73 -13.31 -21.11
N GLY B 250 1.16 -12.30 -21.78
CA GLY B 250 -0.22 -12.35 -22.21
C GLY B 250 -1.21 -11.87 -21.16
N TYR B 251 -0.74 -11.73 -19.92
CA TYR B 251 -1.60 -11.30 -18.83
C TYR B 251 -2.14 -9.90 -19.07
N PRO B 252 -3.41 -9.68 -18.69
CA PRO B 252 -4.03 -8.36 -18.84
C PRO B 252 -3.30 -7.31 -18.00
N ALA B 253 -3.25 -6.09 -18.51
CA ALA B 253 -2.52 -5.01 -17.87
C ALA B 253 -3.16 -4.58 -16.55
N TYR B 254 -4.42 -4.97 -16.36
CA TYR B 254 -5.16 -4.62 -15.15
C TYR B 254 -5.18 -5.76 -14.14
N LEU B 255 -4.18 -6.63 -14.20
CA LEU B 255 -4.13 -7.80 -13.32
C LEU B 255 -4.07 -7.42 -11.83
N TYR B 256 -3.33 -6.36 -11.52
CA TYR B 256 -3.22 -5.89 -10.14
C TYR B 256 -4.57 -5.48 -9.59
N THR B 257 -5.27 -4.63 -10.34
CA THR B 257 -6.55 -4.08 -9.91
C THR B 257 -7.60 -5.17 -9.78
N ASP B 258 -7.60 -6.11 -10.72
CA ASP B 258 -8.55 -7.22 -10.70
C ASP B 258 -8.30 -8.12 -9.49
N LEU B 259 -7.03 -8.42 -9.24
CA LEU B 259 -6.65 -9.20 -8.07
C LEU B 259 -7.02 -8.43 -6.80
N ALA B 260 -6.82 -7.12 -6.84
CA ALA B 260 -7.15 -6.27 -5.69
C ALA B 260 -8.65 -6.25 -5.45
N SER B 261 -9.42 -6.40 -6.52
CA SER B 261 -10.89 -6.43 -6.40
C SER B 261 -11.36 -7.68 -5.68
N ILE B 262 -10.43 -8.60 -5.44
CA ILE B 262 -10.73 -9.85 -4.74
C ILE B 262 -10.10 -9.86 -3.35
N TYR B 263 -8.81 -9.54 -3.29
CA TYR B 263 -8.08 -9.58 -2.02
C TYR B 263 -8.59 -8.53 -1.03
N GLU B 264 -9.07 -7.40 -1.54
CA GLU B 264 -9.55 -6.33 -0.68
C GLU B 264 -10.94 -6.60 -0.10
N ARG B 265 -11.65 -7.58 -0.68
CA ARG B 265 -12.95 -7.98 -0.14
C ARG B 265 -12.75 -8.83 1.12
N SER B 266 -12.18 -8.22 2.15
CA SER B 266 -11.92 -8.86 3.42
C SER B 266 -11.59 -7.77 4.44
N GLY B 267 -11.49 -8.14 5.70
CA GLY B 267 -11.19 -7.17 6.74
C GLY B 267 -11.99 -7.34 8.01
N LEU B 268 -11.79 -6.40 8.93
CA LEU B 268 -12.47 -6.43 10.22
C LEU B 268 -13.35 -5.20 10.41
N THR B 269 -14.56 -5.42 10.93
CA THR B 269 -15.43 -4.32 11.32
C THR B 269 -15.91 -4.54 12.75
N SER B 270 -16.90 -3.75 13.17
CA SER B 270 -17.47 -3.88 14.50
C SER B 270 -18.42 -5.08 14.58
N LYS B 271 -18.98 -5.45 13.42
CA LYS B 271 -19.97 -6.53 13.36
C LYS B 271 -19.34 -7.91 13.14
N GLY B 272 -18.46 -8.01 12.16
CA GLY B 272 -17.82 -9.29 11.85
C GLY B 272 -16.46 -9.13 11.20
N SER B 273 -15.99 -10.20 10.56
CA SER B 273 -14.67 -10.19 9.93
C SER B 273 -14.55 -11.25 8.84
N ILE B 274 -13.67 -10.98 7.88
CA ILE B 274 -13.34 -11.95 6.84
C ILE B 274 -11.84 -12.16 6.76
N THR B 275 -11.39 -13.33 7.19
CA THR B 275 -9.98 -13.67 7.10
C THR B 275 -9.74 -14.46 5.81
N LEU B 276 -8.93 -13.91 4.92
CA LEU B 276 -8.75 -14.48 3.60
C LEU B 276 -7.33 -14.99 3.38
N ILE B 277 -7.22 -16.23 2.93
CA ILE B 277 -5.91 -16.82 2.64
C ILE B 277 -5.82 -17.30 1.19
N PRO B 278 -5.39 -16.41 0.28
CA PRO B 278 -5.21 -16.78 -1.12
C PRO B 278 -3.97 -17.65 -1.29
N MET B 279 -4.07 -18.70 -2.09
CA MET B 279 -2.95 -19.60 -2.31
C MET B 279 -2.57 -19.65 -3.79
N LEU B 280 -1.28 -19.64 -4.06
CA LEU B 280 -0.81 -19.66 -5.44
C LEU B 280 0.49 -20.43 -5.62
N THR B 281 0.64 -21.06 -6.79
CA THR B 281 1.87 -21.74 -7.15
C THR B 281 2.78 -20.76 -7.89
N MET B 282 3.99 -20.56 -7.37
CA MET B 282 4.97 -19.69 -8.01
C MET B 282 5.58 -20.40 -9.21
N PRO B 283 5.26 -19.91 -10.43
CA PRO B 283 5.72 -20.57 -11.65
C PRO B 283 7.24 -20.61 -11.72
N GLY B 284 7.80 -21.80 -11.87
CA GLY B 284 9.25 -21.97 -11.89
C GLY B 284 9.90 -21.56 -10.59
N ASN B 285 9.12 -21.56 -9.51
CA ASN B 285 9.58 -21.15 -8.19
C ASN B 285 10.18 -19.75 -8.21
N ASP B 286 9.59 -18.89 -9.03
CA ASP B 286 10.06 -17.52 -9.18
C ASP B 286 9.08 -16.56 -8.54
N ILE B 287 9.48 -16.01 -7.38
CA ILE B 287 8.60 -15.12 -6.62
C ILE B 287 8.43 -13.78 -7.32
N THR B 288 9.29 -13.50 -8.28
CA THR B 288 9.21 -12.26 -9.05
C THR B 288 8.28 -12.40 -10.26
N HIS B 289 7.69 -13.58 -10.43
CA HIS B 289 6.70 -13.80 -11.47
C HIS B 289 5.49 -12.91 -11.18
N VAL B 290 4.77 -12.52 -12.23
CA VAL B 290 3.72 -11.52 -12.10
C VAL B 290 2.64 -11.86 -11.06
N VAL B 291 2.26 -13.12 -10.97
CA VAL B 291 1.21 -13.52 -10.02
C VAL B 291 1.64 -13.42 -8.55
N PRO B 292 2.76 -14.07 -8.15
CA PRO B 292 3.18 -13.87 -6.76
C PRO B 292 3.63 -12.45 -6.46
N ASP B 293 4.21 -11.76 -7.44
CA ASP B 293 4.67 -10.39 -7.24
C ASP B 293 3.50 -9.45 -6.96
N LEU B 294 2.51 -9.45 -7.85
CA LEU B 294 1.34 -8.59 -7.67
C LEU B 294 0.57 -8.94 -6.41
N THR B 295 0.49 -10.24 -6.12
CA THR B 295 -0.20 -10.69 -4.92
C THR B 295 0.47 -10.14 -3.67
N GLY B 296 1.80 -10.19 -3.65
CA GLY B 296 2.56 -9.65 -2.53
C GLY B 296 2.41 -8.15 -2.39
N TYR B 297 2.09 -7.47 -3.50
CA TYR B 297 1.84 -6.04 -3.48
C TYR B 297 0.44 -5.72 -2.97
N ILE B 298 -0.37 -6.75 -2.76
CA ILE B 298 -1.75 -6.57 -2.34
C ILE B 298 -2.04 -7.20 -0.98
N THR B 299 -1.70 -8.47 -0.81
CA THR B 299 -1.95 -9.15 0.46
C THR B 299 -1.16 -8.51 1.59
N GLU B 300 -1.62 -8.72 2.82
CA GLU B 300 -0.98 -8.15 3.99
C GLU B 300 0.05 -9.11 4.56
N GLY B 301 0.93 -9.59 3.68
CA GLY B 301 1.96 -10.54 4.05
C GLY B 301 1.85 -11.82 3.24
N GLN B 302 2.76 -12.75 3.49
CA GLN B 302 2.73 -14.04 2.80
C GLN B 302 3.56 -15.09 3.53
N TYR B 303 3.12 -16.34 3.45
CA TYR B 303 3.89 -17.46 3.99
C TYR B 303 4.57 -18.17 2.82
N VAL B 304 5.89 -18.06 2.75
CA VAL B 304 6.63 -18.63 1.63
C VAL B 304 7.16 -20.02 1.95
N LEU B 305 6.77 -21.00 1.15
CA LEU B 305 7.22 -22.37 1.31
C LEU B 305 8.60 -22.54 0.67
N SER B 306 9.51 -23.20 1.39
CA SER B 306 10.90 -23.35 0.96
C SER B 306 11.15 -24.70 0.29
N GLN B 307 11.71 -24.65 -0.91
CA GLN B 307 12.05 -25.85 -1.67
C GLN B 307 13.23 -26.56 -1.02
N ASP B 308 14.04 -25.79 -0.29
CA ASP B 308 15.19 -26.32 0.41
C ASP B 308 14.76 -27.06 1.68
N LEU B 309 13.93 -26.42 2.49
CA LEU B 309 13.43 -27.04 3.71
C LEU B 309 12.66 -28.33 3.42
N HIS B 310 11.93 -28.32 2.31
CA HIS B 310 11.18 -29.50 1.89
C HIS B 310 12.12 -30.65 1.55
N SER B 311 13.27 -30.33 0.96
CA SER B 311 14.28 -31.34 0.65
C SER B 311 14.94 -31.88 1.91
N LYS B 312 14.82 -31.13 3.00
CA LYS B 312 15.35 -31.55 4.29
C LYS B 312 14.30 -32.31 5.08
N ASN B 313 13.22 -32.70 4.40
CA ASN B 313 12.11 -33.42 5.02
C ASN B 313 11.50 -32.62 6.19
N ILE B 314 11.30 -31.33 5.95
CA ILE B 314 10.75 -30.45 6.97
C ILE B 314 9.35 -29.97 6.62
N TYR B 315 8.39 -30.24 7.50
CA TYR B 315 7.04 -29.70 7.37
C TYR B 315 6.66 -28.97 8.66
N PRO B 316 6.04 -27.79 8.54
CA PRO B 316 5.80 -27.07 7.28
C PRO B 316 7.04 -26.36 6.79
N PRO B 317 7.30 -26.40 5.48
CA PRO B 317 8.51 -25.84 4.88
C PRO B 317 8.47 -24.31 4.78
N ILE B 318 8.05 -23.66 5.85
CA ILE B 318 7.90 -22.21 5.87
C ILE B 318 9.25 -21.50 6.04
N ASP B 319 9.55 -20.61 5.10
CA ASP B 319 10.74 -19.78 5.16
C ASP B 319 10.49 -18.64 6.13
N LEU B 320 11.20 -18.66 7.25
CA LEU B 320 10.97 -17.67 8.31
C LEU B 320 11.34 -16.25 7.90
N LEU B 321 12.30 -16.13 6.98
CA LEU B 321 12.82 -14.81 6.60
C LEU B 321 12.12 -14.22 5.37
N LYS B 322 11.72 -15.08 4.44
CA LYS B 322 10.99 -14.61 3.27
C LYS B 322 9.53 -14.33 3.61
N SER B 323 9.00 -15.04 4.60
CA SER B 323 7.61 -14.86 5.01
C SER B 323 7.44 -13.54 5.77
N LEU B 324 6.20 -13.05 5.81
CA LEU B 324 5.90 -11.79 6.46
C LEU B 324 4.43 -11.71 6.84
N SER B 325 4.16 -11.08 7.98
CA SER B 325 2.80 -10.72 8.36
C SER B 325 2.79 -9.23 8.72
N ARG B 326 2.22 -8.42 7.84
CA ARG B 326 2.28 -6.97 7.99
C ARG B 326 1.58 -6.47 9.25
N LEU B 327 0.42 -7.05 9.54
CA LEU B 327 -0.38 -6.58 10.68
C LEU B 327 -0.01 -7.29 11.97
N ALA B 328 1.00 -8.15 11.92
CA ALA B 328 1.42 -8.95 13.07
C ALA B 328 1.66 -8.14 14.34
N LYS B 329 2.34 -7.01 14.19
CA LYS B 329 2.69 -6.16 15.33
C LYS B 329 1.46 -5.73 16.14
N ASN B 330 0.33 -5.59 15.46
CA ASN B 330 -0.91 -5.13 16.10
C ASN B 330 -1.43 -6.03 17.21
N GLY B 331 -1.21 -7.33 17.07
CA GLY B 331 -1.75 -8.29 18.02
C GLY B 331 -0.72 -8.92 18.93
N MET B 332 0.52 -8.46 18.83
CA MET B 332 1.60 -9.03 19.63
C MET B 332 1.87 -8.26 20.91
N SER B 333 2.07 -8.99 22.00
CA SER B 333 2.42 -8.39 23.28
C SER B 333 3.91 -8.02 23.29
N LYS B 334 4.35 -7.39 24.37
CA LYS B 334 5.76 -7.02 24.50
C LYS B 334 6.64 -8.27 24.58
N LYS B 335 6.15 -9.30 25.25
CA LYS B 335 6.88 -10.56 25.34
C LYS B 335 6.88 -11.28 24.01
N HIS B 336 5.77 -11.17 23.29
CA HIS B 336 5.61 -11.81 21.99
C HIS B 336 6.53 -11.16 20.96
N LYS B 337 6.58 -9.82 20.99
CA LYS B 337 7.45 -9.07 20.09
C LYS B 337 8.92 -9.41 20.30
N LYS B 338 9.32 -9.62 21.55
CA LYS B 338 10.70 -9.93 21.86
C LYS B 338 11.11 -11.30 21.32
N TYR B 339 10.21 -12.27 21.42
CA TYR B 339 10.49 -13.62 20.95
C TYR B 339 10.59 -13.68 19.43
N ALA B 340 9.73 -12.94 18.75
CA ALA B 340 9.79 -12.88 17.29
C ALA B 340 11.09 -12.22 16.86
N ASP B 341 11.49 -11.17 17.56
CA ASP B 341 12.73 -10.46 17.27
C ASP B 341 13.97 -11.34 17.44
N ILE B 342 14.05 -12.02 18.59
CA ILE B 342 15.20 -12.89 18.86
C ILE B 342 15.21 -14.09 17.90
N LEU B 343 14.03 -14.52 17.46
CA LEU B 343 13.93 -15.63 16.53
C LEU B 343 14.43 -15.24 15.15
N ILE B 344 13.96 -14.11 14.65
CA ILE B 344 14.29 -13.66 13.30
C ILE B 344 15.77 -13.30 13.15
N LYS B 345 16.25 -12.42 14.02
CA LYS B 345 17.62 -11.91 13.90
C LYS B 345 18.69 -12.99 14.14
N SER B 346 18.39 -13.94 15.02
CA SER B 346 19.35 -15.00 15.33
C SER B 346 19.36 -16.07 14.24
N TYR B 347 18.19 -16.37 13.69
CA TYR B 347 18.09 -17.33 12.60
C TYR B 347 18.75 -16.77 11.35
N ALA B 348 18.53 -15.48 11.10
CA ALA B 348 19.16 -14.79 9.98
C ALA B 348 20.67 -14.80 10.12
N LYS B 349 21.14 -14.52 11.34
CA LYS B 349 22.58 -14.52 11.62
C LYS B 349 23.12 -15.94 11.50
N GLY B 350 22.28 -16.92 11.81
CA GLY B 350 22.65 -18.31 11.68
C GLY B 350 22.84 -18.71 10.24
N LEU B 351 22.03 -18.13 9.36
CA LEU B 351 22.15 -18.39 7.93
C LEU B 351 23.37 -17.72 7.35
N GLU B 352 23.71 -16.55 7.87
CA GLU B 352 24.92 -15.84 7.46
C GLU B 352 26.15 -16.66 7.82
N ALA B 353 26.12 -17.27 9.00
CA ALA B 353 27.22 -18.11 9.45
C ALA B 353 27.26 -19.42 8.66
N ARG B 354 26.12 -19.80 8.12
CA ARG B 354 26.02 -20.99 7.29
C ARG B 354 26.63 -20.73 5.91
N ASP B 355 26.53 -19.49 5.45
CA ASP B 355 27.12 -19.09 4.18
C ASP B 355 28.64 -19.04 4.24
N ILE B 356 29.17 -18.51 5.33
CA ILE B 356 30.62 -18.42 5.51
C ILE B 356 31.22 -19.77 5.89
N ALA B 357 30.34 -20.72 6.25
CA ALA B 357 30.77 -22.09 6.52
C ALA B 357 31.18 -22.75 5.21
N THR B 358 30.69 -22.20 4.10
CA THR B 358 31.08 -22.66 2.78
C THR B 358 32.49 -22.16 2.44
N ILE B 359 32.86 -21.03 3.04
CA ILE B 359 34.20 -20.50 2.90
C ILE B 359 35.14 -21.24 3.83
N VAL B 360 35.34 -20.68 5.03
CA VAL B 360 36.06 -21.38 6.08
C VAL B 360 35.18 -22.48 6.63
N GLY B 361 35.71 -23.70 6.69
CA GLY B 361 34.95 -24.86 7.10
C GLY B 361 34.31 -24.73 8.47
N GLU B 362 33.24 -25.49 8.69
CA GLU B 362 32.57 -25.51 9.99
C GLU B 362 33.49 -26.09 11.05
N ASP B 363 33.52 -25.46 12.22
CA ASP B 363 34.42 -25.86 13.28
C ASP B 363 35.71 -25.08 13.18
N SER B 364 35.81 -24.28 12.13
CA SER B 364 36.96 -23.42 11.90
C SER B 364 36.48 -21.99 11.69
N LEU B 365 35.74 -21.48 12.68
CA LEU B 365 35.16 -20.15 12.59
C LEU B 365 34.98 -19.54 13.98
N SER B 366 34.36 -18.37 14.05
CA SER B 366 34.10 -17.72 15.33
C SER B 366 33.25 -18.60 16.22
N LYS B 367 33.53 -18.58 17.52
CA LYS B 367 32.83 -19.44 18.46
C LYS B 367 31.52 -18.83 18.95
N GLU B 368 31.01 -17.87 18.19
CA GLU B 368 29.64 -17.42 18.33
C GLU B 368 28.92 -17.70 17.01
N ASP B 369 29.70 -17.87 15.95
CA ASP B 369 29.15 -18.16 14.63
C ASP B 369 28.72 -19.62 14.51
N LYS B 370 29.34 -20.49 15.31
CA LYS B 370 28.91 -21.88 15.37
C LYS B 370 27.72 -21.99 16.32
N ALA B 371 27.55 -20.98 17.16
CA ALA B 371 26.40 -20.92 18.06
C ALA B 371 25.15 -20.59 17.27
N TYR B 372 25.23 -19.56 16.44
CA TYR B 372 24.13 -19.18 15.57
C TYR B 372 23.87 -20.24 14.51
N LEU B 373 24.93 -20.93 14.11
CA LEU B 373 24.82 -22.05 13.17
C LEU B 373 24.03 -23.17 13.80
N LYS B 374 24.33 -23.48 15.05
CA LYS B 374 23.60 -24.50 15.80
C LYS B 374 22.16 -24.06 15.99
N PHE B 375 21.97 -22.77 16.24
CA PHE B 375 20.65 -22.20 16.45
C PHE B 375 19.77 -22.40 15.22
N ALA B 376 20.29 -22.04 14.06
CA ALA B 376 19.55 -22.16 12.81
C ALA B 376 19.13 -23.59 12.52
N GLU B 377 20.02 -24.54 12.80
CA GLU B 377 19.73 -25.95 12.55
C GLU B 377 18.61 -26.46 13.45
N LEU B 378 18.72 -26.15 14.74
CA LEU B 378 17.72 -26.59 15.71
C LEU B 378 16.36 -25.95 15.44
N VAL B 379 16.38 -24.70 14.99
CA VAL B 379 15.14 -24.00 14.63
C VAL B 379 14.42 -24.74 13.52
N GLU B 380 15.18 -25.19 12.53
CA GLU B 380 14.60 -25.93 11.41
C GLU B 380 14.11 -27.31 11.84
N LYS B 381 14.86 -27.97 12.71
CA LYS B 381 14.60 -29.37 13.04
C LYS B 381 13.73 -29.57 14.29
N GLU B 382 13.45 -28.49 15.02
CA GLU B 382 12.65 -28.60 16.23
C GLU B 382 11.54 -27.55 16.32
N PHE B 383 11.83 -26.34 15.89
CA PHE B 383 10.85 -25.25 15.94
C PHE B 383 9.95 -25.24 14.70
N ILE B 384 10.57 -25.10 13.52
CA ILE B 384 9.83 -25.08 12.27
C ILE B 384 9.18 -26.43 11.99
N LYS B 385 9.99 -27.48 12.03
CA LYS B 385 9.48 -28.84 11.82
C LYS B 385 8.45 -29.19 12.89
N GLN B 386 7.27 -29.63 12.43
CA GLN B 386 6.15 -29.88 13.31
C GLN B 386 5.13 -30.77 12.61
N ASP B 387 4.57 -31.74 13.31
CA ASP B 387 3.64 -32.68 12.71
C ASP B 387 2.36 -32.00 12.22
N TYR B 388 1.73 -32.59 11.21
CA TYR B 388 0.50 -32.08 10.65
C TYR B 388 -0.66 -32.15 11.65
N TYR B 389 -0.52 -32.98 12.67
CA TYR B 389 -1.55 -33.14 13.68
C TYR B 389 -1.12 -32.63 15.06
N GLU B 390 0.01 -31.92 15.10
CA GLU B 390 0.51 -31.38 16.36
C GLU B 390 0.13 -29.92 16.54
N TYR B 391 -0.59 -29.62 17.61
CA TYR B 391 -0.95 -28.25 17.95
C TYR B 391 -0.07 -27.75 19.10
N ARG B 392 0.49 -26.56 18.93
CA ARG B 392 1.32 -25.97 19.97
C ARG B 392 0.73 -24.64 20.45
N SER B 393 0.66 -24.48 21.76
CA SER B 393 0.27 -23.20 22.33
C SER B 393 1.40 -22.22 22.12
N ILE B 394 1.11 -20.93 22.22
CA ILE B 394 2.11 -19.90 22.01
C ILE B 394 3.23 -19.99 23.05
N GLU B 395 2.88 -20.47 24.25
CA GLU B 395 3.86 -20.66 25.31
C GLU B 395 4.79 -21.82 24.98
N LYS B 396 4.21 -22.88 24.42
CA LYS B 396 4.98 -24.05 24.00
C LYS B 396 6.02 -23.66 22.97
N SER B 397 5.62 -22.84 22.01
CA SER B 397 6.51 -22.35 20.97
C SER B 397 7.63 -21.50 21.57
N PHE B 398 7.28 -20.72 22.59
CA PHE B 398 8.28 -19.92 23.31
C PHE B 398 9.29 -20.82 24.01
N GLU B 399 8.80 -21.88 24.62
CA GLU B 399 9.65 -22.82 25.35
C GLU B 399 10.67 -23.49 24.43
N ILE B 400 10.22 -23.84 23.23
CA ILE B 400 11.10 -24.43 22.23
C ILE B 400 12.24 -23.47 21.90
N ILE B 401 11.88 -22.19 21.72
CA ILE B 401 12.87 -21.15 21.45
C ILE B 401 13.87 -21.02 22.60
N ASP B 402 13.35 -20.94 23.83
CA ASP B 402 14.20 -20.87 25.01
C ASP B 402 15.08 -22.11 25.13
N SER B 403 14.53 -23.25 24.73
CA SER B 403 15.27 -24.50 24.73
C SER B 403 16.40 -24.46 23.70
N ILE B 404 16.06 -24.06 22.48
CA ILE B 404 17.03 -23.96 21.40
C ILE B 404 18.13 -22.95 21.73
N LEU B 405 17.72 -21.80 22.27
CA LEU B 405 18.67 -20.77 22.69
C LEU B 405 19.64 -21.33 23.73
N SER B 406 19.14 -22.16 24.62
CA SER B 406 19.97 -22.77 25.65
C SER B 406 20.96 -23.77 25.06
N GLN B 407 20.47 -24.60 24.14
CA GLN B 407 21.31 -25.61 23.51
C GLN B 407 22.39 -24.99 22.64
N SER B 408 22.13 -23.79 22.11
CA SER B 408 23.04 -23.13 21.20
C SER B 408 24.05 -22.25 21.92
N GLY B 409 23.91 -22.15 23.23
CA GLY B 409 24.80 -21.34 24.04
C GLY B 409 24.51 -19.85 23.89
N LEU B 410 23.26 -19.54 23.57
CA LEU B 410 22.82 -18.16 23.44
C LEU B 410 21.97 -17.78 24.65
N PRO B 411 21.89 -16.46 24.95
CA PRO B 411 21.11 -15.99 26.09
C PRO B 411 19.63 -16.40 26.02
N TYR B 412 19.14 -17.06 27.06
CA TYR B 412 17.76 -17.49 27.12
C TYR B 412 17.07 -17.00 28.39
N SER B 413 15.74 -16.95 28.37
CA SER B 413 14.97 -16.46 29.50
C SER B 413 14.42 -17.60 30.37
N PRO B 414 14.86 -17.66 31.62
CA PRO B 414 14.40 -18.68 32.55
C PRO B 414 14.21 -18.11 33.95
PG ANP C . 3.41 -0.90 0.86
O1G ANP C . 2.57 -1.29 2.11
O2G ANP C . 2.89 0.48 0.27
O3G ANP C . 3.28 -1.96 -0.24
PB ANP C . 5.97 -1.96 1.36
O1B ANP C . 7.34 -1.56 0.73
O2B ANP C . 5.41 -3.16 0.55
N3B ANP C . 4.96 -0.63 1.32
PA ANP C . 5.50 -1.79 4.10
O1A ANP C . 5.69 -0.26 4.03
O2A ANP C . 3.96 -2.10 4.10
O3A ANP C . 6.25 -2.40 2.81
O5' ANP C . 6.20 -2.40 5.36
C5' ANP C . 6.58 -3.78 5.33
C4' ANP C . 7.11 -4.19 6.69
O4' ANP C . 8.24 -3.47 7.02
C3' ANP C . 6.05 -3.96 7.76
O3' ANP C . 5.53 -5.11 8.22
C2' ANP C . 6.74 -3.24 8.85
O2' ANP C . 6.64 -3.86 10.09
C1' ANP C . 8.17 -3.16 8.40
N9 ANP C . 8.81 -1.88 8.65
C8 ANP C . 9.03 -0.90 7.75
N7 ANP C . 9.62 0.12 8.33
C5 ANP C . 9.81 -0.15 9.61
C6 ANP C . 10.37 0.54 10.68
N6 ANP C . 10.91 1.85 10.48
N1 ANP C . 10.42 -0.02 11.91
C2 ANP C . 9.92 -1.27 12.13
N3 ANP C . 9.36 -1.97 11.11
C4 ANP C . 9.29 -1.44 9.85
MG MG D . 0.20 -0.48 0.26
#